data_8ZWE
#
_entry.id   8ZWE
#
_cell.length_a   1.00
_cell.length_b   1.00
_cell.length_c   1.00
_cell.angle_alpha   90.00
_cell.angle_beta   90.00
_cell.angle_gamma   90.00
#
_symmetry.space_group_name_H-M   'P 1'
#
loop_
_entity.id
_entity.type
_entity.pdbx_description
1 polymer 'Spike glycoprotein'
2 polymer 'Angiotensin-converting enzyme'
3 non-polymer 2-acetamido-2-deoxy-beta-D-glucopyranose
#
loop_
_entity_poly.entity_id
_entity_poly.type
_entity_poly.pdbx_seq_one_letter_code
_entity_poly.pdbx_strand_id
1 'polypeptide(L)'
;EASPRGEFIEQSTAKECDFSPMLQGTPPPIYDFKRLVFTNCNYNLTKLLNLFQVSEFSCHQVSPSSLATGCYSSLTVDYF
AYPTSMSSYLQPGFAGEIVKFNYKQDFSSPTCRVLATVPSNLTTITKPSNYVHLTECYKGTAYGKNYLYNAPGGYTPCLS
LASSGFSSDRQSHRQQLSDGYLVTTGSVYAVNGNLQMAFIISVQYGTDTNSVCPMQALRNDTSIEDKLDTCVQY
;
A
2 'polypeptide(L)'
;STTEDLAKTFLEKFNYEAEELSYQNSLASWNYNTNITDENIQKMNIAGAKWSAFYEEESQHAKTYPLEEIQDPIIKRQLR
ALQQSGSSVLSADKRERLNTILNAMSTIYSTGKACNPNNPQECLLLEPGLDDIMENSKDYNERLWAWEGWRSEVGKQLRP
LYEEYVALKNEMARANNYEDYGDYWRGDYEEEWADGYNYSRNQLIEDVEHTFTQIKPLYEHLHAYVRAKLMDAYPSRISP
TGCLPAHLLGDMWGRFWTNLYPLMVPFGQKPNIDVTDAMVNQSWDARRIFKEAEKFFVSVGLPNMTEGFWQNSMLTEPGD
NRKVVCHPTAWDLGKHDFRIKMCTKVTMDDFLTAHHEMGHIQYDMAYAAQPFLLRNGANEGFHEAVGEIMSLSAATPNHL
KNIGLLPPDFSEDSETDINFLLKQALTIVGTLPFTYMLEKWRWMVFKGEIPKEQWMQKWWEMKRDIVGVVEPLPHDETYC
DPAALFHVANDYSFIRYYTRTIYQFQFQEALCQIAKHEGPLYKCDISNSREAGQKLHEMLSLGRSKPWTFALERVVGAKT
MDVRPLLNYFEPLFTWLKEQNRNSFVGWNTDWSPYAD
;
B
#
loop_
_chem_comp.id
_chem_comp.type
_chem_comp.name
_chem_comp.formula
NAG D-saccharide, beta linking 2-acetamido-2-deoxy-beta-D-glucopyranose 'C8 H15 N O6'
#
# COMPACT_ATOMS: atom_id res chain seq x y z
N LYS A 15 -58.32 -16.52 -5.53
CA LYS A 15 -57.21 -17.08 -6.27
C LYS A 15 -55.90 -16.93 -5.50
N GLU A 16 -55.27 -18.06 -5.20
CA GLU A 16 -53.96 -18.03 -4.54
C GLU A 16 -52.90 -17.53 -5.50
N CYS A 17 -52.03 -16.66 -4.99
CA CYS A 17 -50.96 -16.13 -5.81
C CYS A 17 -49.97 -17.23 -6.17
N ASP A 18 -49.48 -17.21 -7.40
CA ASP A 18 -48.62 -18.27 -7.93
C ASP A 18 -47.20 -18.05 -7.45
N PHE A 19 -46.77 -18.85 -6.48
CA PHE A 19 -45.40 -18.82 -5.97
C PHE A 19 -44.56 -19.97 -6.53
N SER A 20 -45.06 -20.68 -7.53
CA SER A 20 -44.29 -21.76 -8.14
C SER A 20 -42.95 -21.34 -8.74
N PRO A 21 -42.84 -20.22 -9.47
CA PRO A 21 -41.55 -19.92 -10.14
C PRO A 21 -40.35 -19.91 -9.21
N MET A 22 -40.48 -19.39 -7.99
CA MET A 22 -39.34 -19.42 -7.07
C MET A 22 -39.10 -20.80 -6.48
N LEU A 23 -40.07 -21.71 -6.60
CA LEU A 23 -39.93 -23.06 -6.10
C LEU A 23 -39.47 -24.05 -7.17
N GLN A 24 -39.28 -23.59 -8.41
CA GLN A 24 -38.87 -24.45 -9.50
C GLN A 24 -37.64 -23.87 -10.20
N GLY A 25 -36.76 -24.76 -10.64
CA GLY A 25 -35.58 -24.34 -11.37
C GLY A 25 -34.52 -23.73 -10.48
N THR A 26 -33.48 -23.23 -11.14
CA THR A 26 -32.36 -22.60 -10.45
C THR A 26 -32.68 -21.14 -10.17
N PRO A 27 -32.60 -20.68 -8.93
CA PRO A 27 -32.87 -19.27 -8.66
C PRO A 27 -31.87 -18.39 -9.36
N PRO A 28 -32.27 -17.19 -9.78
CA PRO A 28 -31.37 -16.32 -10.54
C PRO A 28 -30.36 -15.64 -9.65
N PRO A 29 -29.28 -15.11 -10.21
CA PRO A 29 -28.33 -14.34 -9.41
C PRO A 29 -28.88 -12.96 -9.06
N ILE A 30 -28.13 -12.25 -8.23
CA ILE A 30 -28.60 -10.96 -7.72
C ILE A 30 -28.70 -9.94 -8.85
N TYR A 31 -27.69 -9.87 -9.72
CA TYR A 31 -27.71 -8.89 -10.79
C TYR A 31 -28.78 -9.20 -11.84
N ASP A 32 -29.23 -10.45 -11.91
CA ASP A 32 -30.28 -10.88 -12.81
C ASP A 32 -31.50 -11.35 -12.04
N PHE A 33 -31.89 -10.57 -11.03
CA PHE A 33 -32.96 -10.96 -10.11
C PHE A 33 -34.27 -11.16 -10.86
N LYS A 34 -35.12 -12.03 -10.33
CA LYS A 34 -36.42 -12.31 -10.94
C LYS A 34 -37.49 -11.53 -10.20
N ARG A 35 -38.24 -10.72 -10.94
CA ARG A 35 -39.30 -9.89 -10.38
C ARG A 35 -40.65 -10.45 -10.79
N LEU A 36 -41.51 -10.68 -9.80
CA LEU A 36 -42.88 -11.12 -10.04
C LEU A 36 -43.84 -10.15 -9.37
N VAL A 37 -44.82 -9.67 -10.13
CA VAL A 37 -45.82 -8.73 -9.65
C VAL A 37 -47.11 -9.49 -9.40
N PHE A 38 -47.63 -9.42 -8.18
CA PHE A 38 -48.88 -10.05 -7.80
C PHE A 38 -49.94 -8.98 -7.66
N THR A 39 -51.06 -9.16 -8.38
CA THR A 39 -52.21 -8.29 -8.31
C THR A 39 -53.47 -9.14 -8.36
N ASN A 40 -54.43 -8.82 -7.49
CA ASN A 40 -55.73 -9.51 -7.43
C ASN A 40 -55.54 -11.00 -7.16
N CYS A 41 -55.01 -11.31 -5.98
CA CYS A 41 -54.83 -12.69 -5.56
C CYS A 41 -54.75 -12.75 -4.04
N ASN A 42 -54.87 -13.97 -3.51
CA ASN A 42 -54.76 -14.23 -2.10
C ASN A 42 -53.38 -14.80 -1.80
N TYR A 43 -52.64 -14.14 -0.91
CA TYR A 43 -51.26 -14.48 -0.61
C TYR A 43 -51.16 -15.03 0.81
N ASN A 44 -50.34 -16.06 0.97
CA ASN A 44 -50.01 -16.64 2.27
C ASN A 44 -48.48 -16.74 2.33
N LEU A 45 -47.84 -15.65 2.76
CA LEU A 45 -46.39 -15.65 2.83
C LEU A 45 -45.87 -16.52 3.97
N THR A 46 -46.72 -16.82 4.95
CA THR A 46 -46.30 -17.67 6.06
C THR A 46 -45.99 -19.08 5.60
N LYS A 47 -46.80 -19.62 4.69
CA LYS A 47 -46.52 -20.96 4.15
C LYS A 47 -45.20 -20.97 3.38
N LEU A 48 -44.96 -19.95 2.56
CA LEU A 48 -43.70 -19.87 1.82
C LEU A 48 -42.52 -19.76 2.77
N LEU A 49 -42.66 -18.98 3.84
CA LEU A 49 -41.60 -18.88 4.84
C LEU A 49 -41.35 -20.22 5.50
N ASN A 50 -42.43 -20.96 5.81
CA ASN A 50 -42.29 -22.30 6.37
C ASN A 50 -41.61 -23.25 5.38
N LEU A 51 -41.74 -23.01 4.08
CA LEU A 51 -41.05 -23.83 3.10
C LEU A 51 -39.53 -23.65 3.15
N PHE A 52 -39.03 -22.64 3.84
CA PHE A 52 -37.59 -22.42 3.98
C PHE A 52 -37.24 -22.31 5.46
N GLN A 53 -35.95 -22.25 5.74
CA GLN A 53 -35.46 -21.94 7.08
C GLN A 53 -35.15 -20.44 7.13
N VAL A 54 -36.05 -19.67 7.73
CA VAL A 54 -35.91 -18.23 7.75
C VAL A 54 -34.77 -17.84 8.68
N SER A 55 -33.88 -16.97 8.18
CA SER A 55 -32.69 -16.54 8.91
C SER A 55 -32.70 -15.07 9.28
N GLU A 56 -33.16 -14.20 8.38
CA GLU A 56 -33.20 -12.77 8.66
C GLU A 56 -34.47 -12.17 8.07
N PHE A 57 -34.95 -11.09 8.68
CA PHE A 57 -36.21 -10.47 8.29
C PHE A 57 -36.14 -9.01 8.75
N SER A 58 -35.88 -8.09 7.83
CA SER A 58 -35.76 -6.69 8.16
C SER A 58 -36.65 -5.85 7.26
N CYS A 59 -37.54 -5.06 7.85
CA CYS A 59 -38.50 -4.27 7.10
C CYS A 59 -38.33 -2.79 7.40
N HIS A 60 -38.47 -1.97 6.35
CA HIS A 60 -38.37 -0.53 6.44
C HIS A 60 -39.70 0.09 6.03
N GLN A 61 -40.17 1.05 6.83
CA GLN A 61 -41.46 1.72 6.65
C GLN A 61 -42.64 0.77 6.75
N VAL A 62 -42.43 -0.40 7.36
CA VAL A 62 -43.47 -1.42 7.48
C VAL A 62 -43.02 -2.44 8.52
N SER A 63 -43.97 -3.12 9.16
CA SER A 63 -43.65 -4.15 10.13
C SER A 63 -43.97 -5.53 9.57
N PRO A 64 -43.27 -6.58 10.03
CA PRO A 64 -43.59 -7.93 9.54
C PRO A 64 -45.04 -8.34 9.80
N SER A 65 -45.61 -7.90 10.92
CA SER A 65 -47.03 -8.15 11.18
C SER A 65 -47.90 -7.40 10.18
N SER A 66 -47.47 -6.19 9.79
CA SER A 66 -48.20 -5.40 8.83
C SER A 66 -47.88 -5.84 7.40
N LEU A 67 -46.97 -6.81 7.26
CA LEU A 67 -46.66 -7.37 5.95
C LEU A 67 -47.49 -8.61 5.70
N ALA A 68 -47.63 -9.47 6.72
CA ALA A 68 -48.51 -10.63 6.60
C ALA A 68 -49.96 -10.19 6.45
N THR A 69 -50.38 -9.19 7.22
CA THR A 69 -51.72 -8.65 7.12
C THR A 69 -51.72 -7.40 6.25
N GLY A 70 -52.92 -6.88 5.99
CA GLY A 70 -53.06 -5.71 5.15
C GLY A 70 -53.12 -6.06 3.67
N CYS A 71 -54.00 -5.39 2.94
CA CYS A 71 -54.19 -5.64 1.52
C CYS A 71 -53.53 -4.52 0.72
N TYR A 72 -52.86 -4.88 -0.37
CA TYR A 72 -52.04 -3.94 -1.13
C TYR A 72 -52.50 -3.93 -2.58
N SER A 73 -52.32 -2.78 -3.23
CA SER A 73 -52.68 -2.67 -4.64
C SER A 73 -51.82 -3.58 -5.51
N SER A 74 -50.52 -3.62 -5.23
CA SER A 74 -49.59 -4.48 -5.97
C SER A 74 -48.54 -4.99 -5.01
N LEU A 75 -48.11 -6.24 -5.23
CA LEU A 75 -47.08 -6.87 -4.39
C LEU A 75 -45.95 -7.34 -5.28
N THR A 76 -44.82 -6.65 -5.25
CA THR A 76 -43.69 -6.99 -6.10
C THR A 76 -42.66 -7.76 -5.29
N VAL A 77 -42.30 -8.95 -5.78
CA VAL A 77 -41.30 -9.79 -5.14
C VAL A 77 -40.12 -9.90 -6.10
N ASP A 78 -38.98 -9.36 -5.69
CA ASP A 78 -37.72 -9.50 -6.42
C ASP A 78 -36.88 -10.53 -5.66
N TYR A 79 -36.81 -11.74 -6.20
CA TYR A 79 -36.11 -12.83 -5.54
C TYR A 79 -34.85 -13.18 -6.32
N PHE A 80 -33.82 -13.59 -5.57
CA PHE A 80 -32.55 -14.00 -6.16
C PHE A 80 -31.84 -14.89 -5.15
N ALA A 81 -30.72 -15.47 -5.59
CA ALA A 81 -29.87 -16.26 -4.70
C ALA A 81 -28.91 -15.33 -3.95
N TYR A 82 -28.83 -15.53 -2.64
CA TYR A 82 -28.03 -14.62 -1.82
C TYR A 82 -27.62 -15.29 -0.51
N PRO A 83 -26.32 -15.36 -0.22
CA PRO A 83 -25.89 -15.92 1.06
C PRO A 83 -26.15 -14.97 2.21
N THR A 84 -26.16 -15.54 3.43
CA THR A 84 -26.44 -14.76 4.62
C THR A 84 -25.23 -13.92 5.02
N SER A 85 -24.03 -14.38 4.69
CA SER A 85 -22.82 -13.66 5.07
C SER A 85 -22.73 -12.28 4.43
N MET A 86 -23.31 -12.10 3.25
CA MET A 86 -23.29 -10.83 2.56
C MET A 86 -24.54 -9.99 2.81
N SER A 87 -25.29 -10.30 3.87
CA SER A 87 -26.47 -9.50 4.19
C SER A 87 -26.10 -8.08 4.56
N SER A 88 -25.02 -7.91 5.34
CA SER A 88 -24.61 -6.58 5.78
C SER A 88 -24.26 -5.65 4.63
N TYR A 89 -23.88 -6.20 3.48
CA TYR A 89 -23.59 -5.37 2.32
C TYR A 89 -24.84 -4.89 1.61
N LEU A 90 -26.00 -5.52 1.86
CA LEU A 90 -27.27 -5.09 1.31
C LEU A 90 -27.96 -4.03 2.18
N GLN A 91 -27.37 -3.70 3.33
CA GLN A 91 -27.98 -2.76 4.25
C GLN A 91 -28.09 -1.38 3.62
N PRO A 92 -29.18 -0.65 3.89
CA PRO A 92 -29.32 0.70 3.33
C PRO A 92 -28.21 1.63 3.77
N GLY A 93 -27.80 2.51 2.86
CA GLY A 93 -26.77 3.49 3.12
C GLY A 93 -25.37 3.05 2.75
N PHE A 94 -25.05 1.76 2.90
CA PHE A 94 -23.73 1.26 2.58
C PHE A 94 -23.55 1.23 1.06
N ALA A 95 -22.54 1.94 0.58
CA ALA A 95 -22.23 2.03 -0.84
C ALA A 95 -21.10 1.08 -1.15
N GLY A 96 -21.44 -0.07 -1.74
CA GLY A 96 -20.44 -1.06 -2.11
C GLY A 96 -20.68 -1.62 -3.49
N GLU A 97 -20.05 -2.75 -3.81
CA GLU A 97 -20.21 -3.35 -5.13
C GLU A 97 -21.64 -3.82 -5.38
N ILE A 98 -22.29 -4.40 -4.36
CA ILE A 98 -23.63 -4.93 -4.54
C ILE A 98 -24.60 -3.82 -4.89
N VAL A 99 -24.57 -2.72 -4.13
CA VAL A 99 -25.49 -1.62 -4.38
C VAL A 99 -25.15 -0.93 -5.70
N LYS A 100 -23.86 -0.74 -5.98
CA LYS A 100 -23.44 0.04 -7.14
C LYS A 100 -23.73 -0.71 -8.44
N PHE A 101 -23.55 -2.03 -8.47
CA PHE A 101 -23.57 -2.75 -9.73
C PHE A 101 -24.56 -3.92 -9.78
N ASN A 102 -25.14 -4.36 -8.67
CA ASN A 102 -26.03 -5.51 -8.68
C ASN A 102 -27.47 -5.14 -8.40
N TYR A 103 -27.75 -4.49 -7.27
CA TYR A 103 -29.14 -4.19 -6.90
C TYR A 103 -29.16 -3.09 -5.87
N LYS A 104 -29.84 -1.99 -6.17
CA LYS A 104 -30.06 -0.90 -5.23
C LYS A 104 -31.51 -0.95 -4.79
N GLN A 105 -31.73 -1.23 -3.51
CA GLN A 105 -33.09 -1.33 -2.99
C GLN A 105 -33.77 0.03 -3.04
N ASP A 106 -35.03 0.04 -3.48
CA ASP A 106 -35.79 1.27 -3.64
C ASP A 106 -36.55 1.54 -2.35
N PHE A 107 -36.25 2.67 -1.71
CA PHE A 107 -36.81 3.01 -0.41
C PHE A 107 -37.88 4.08 -0.48
N SER A 108 -38.37 4.42 -1.68
CA SER A 108 -39.45 5.37 -1.81
C SER A 108 -40.76 4.82 -1.25
N SER A 109 -40.87 3.50 -1.15
CA SER A 109 -42.03 2.80 -0.64
C SER A 109 -41.61 1.82 0.44
N PRO A 110 -42.53 1.43 1.33
CA PRO A 110 -42.18 0.43 2.35
C PRO A 110 -41.68 -0.86 1.72
N THR A 111 -40.64 -1.44 2.33
CA THR A 111 -39.98 -2.59 1.75
C THR A 111 -39.62 -3.59 2.84
N CYS A 112 -39.36 -4.82 2.42
CA CYS A 112 -38.91 -5.87 3.33
C CYS A 112 -37.83 -6.70 2.66
N ARG A 113 -36.75 -6.94 3.39
CA ARG A 113 -35.66 -7.81 2.95
C ARG A 113 -35.73 -9.08 3.80
N VAL A 114 -35.98 -10.21 3.13
CA VAL A 114 -36.19 -11.49 3.80
C VAL A 114 -35.12 -12.45 3.34
N LEU A 115 -34.37 -13.00 4.30
CA LEU A 115 -33.43 -14.07 4.03
C LEU A 115 -34.06 -15.41 4.43
N ALA A 116 -33.55 -16.49 3.87
CA ALA A 116 -34.13 -17.80 4.09
C ALA A 116 -33.07 -18.85 3.75
N THR A 117 -33.41 -20.12 4.03
CA THR A 117 -32.53 -21.23 3.73
C THR A 117 -33.38 -22.41 3.29
N VAL A 118 -33.04 -22.96 2.13
CA VAL A 118 -33.78 -24.05 1.52
C VAL A 118 -33.28 -25.36 2.14
N PRO A 119 -34.15 -26.15 2.80
CA PRO A 119 -33.71 -27.45 3.29
C PRO A 119 -33.39 -28.40 2.16
N SER A 120 -32.51 -29.36 2.44
CA SER A 120 -32.06 -30.28 1.41
C SER A 120 -33.17 -31.19 0.90
N ASN A 121 -34.28 -31.31 1.64
CA ASN A 121 -35.38 -32.16 1.19
C ASN A 121 -36.13 -31.55 0.00
N LEU A 122 -35.98 -30.25 -0.23
CA LEU A 122 -36.67 -29.57 -1.33
C LEU A 122 -35.86 -29.78 -2.61
N THR A 123 -36.10 -30.91 -3.26
CA THR A 123 -35.39 -31.24 -4.49
C THR A 123 -35.97 -30.53 -5.71
N THR A 124 -37.10 -29.82 -5.57
CA THR A 124 -37.66 -29.10 -6.69
C THR A 124 -36.80 -27.93 -7.13
N ILE A 125 -35.91 -27.46 -6.28
CA ILE A 125 -35.01 -26.35 -6.58
C ILE A 125 -33.61 -26.90 -6.80
N THR A 126 -32.98 -26.51 -7.90
CA THR A 126 -31.65 -26.97 -8.24
C THR A 126 -30.62 -25.95 -7.75
N LYS A 127 -29.61 -26.44 -7.04
CA LYS A 127 -28.57 -25.56 -6.51
C LYS A 127 -27.61 -25.16 -7.61
N PRO A 128 -27.38 -23.86 -7.85
CA PRO A 128 -26.38 -23.45 -8.82
C PRO A 128 -24.97 -23.76 -8.31
N SER A 129 -24.03 -23.77 -9.26
CA SER A 129 -22.65 -24.11 -8.91
C SER A 129 -22.07 -23.12 -7.92
N ASN A 130 -22.29 -21.82 -8.15
CA ASN A 130 -21.68 -20.79 -7.32
C ASN A 130 -22.62 -19.60 -7.19
N TYR A 131 -22.26 -18.69 -6.28
CA TYR A 131 -22.89 -17.39 -6.20
C TYR A 131 -22.10 -16.40 -7.06
N VAL A 132 -22.82 -15.60 -7.85
CA VAL A 132 -22.19 -14.66 -8.77
C VAL A 132 -22.79 -13.28 -8.54
N HIS A 133 -21.94 -12.27 -8.42
CA HIS A 133 -22.36 -10.88 -8.36
C HIS A 133 -21.36 -10.01 -9.10
N LEU A 134 -21.83 -8.91 -9.66
CA LEU A 134 -20.98 -8.05 -10.47
C LEU A 134 -20.15 -7.13 -9.59
N THR A 135 -18.86 -7.01 -9.89
CA THR A 135 -17.96 -6.11 -9.20
C THR A 135 -17.67 -4.83 -9.96
N GLU A 136 -17.64 -4.88 -11.29
CA GLU A 136 -17.40 -3.71 -12.12
C GLU A 136 -18.34 -3.74 -13.32
N CYS A 137 -18.85 -2.57 -13.68
CA CYS A 137 -19.64 -2.41 -14.91
C CYS A 137 -19.43 -0.98 -15.38
N TYR A 138 -18.51 -0.78 -16.32
CA TYR A 138 -18.07 0.56 -16.66
C TYR A 138 -17.93 0.72 -18.17
N LYS A 139 -17.86 1.98 -18.58
CA LYS A 139 -17.64 2.38 -19.96
C LYS A 139 -16.19 2.84 -20.09
N GLY A 140 -15.42 2.15 -20.93
CA GLY A 140 -14.01 2.43 -21.05
C GLY A 140 -13.62 3.14 -22.33
N THR A 141 -13.19 4.39 -22.18
CA THR A 141 -12.51 5.14 -23.24
C THR A 141 -11.01 5.08 -23.02
N ALA A 142 -10.25 5.88 -23.77
CA ALA A 142 -8.81 5.97 -23.57
C ALA A 142 -8.43 6.94 -22.46
N TYR A 143 -9.38 7.69 -21.92
CA TYR A 143 -9.13 8.64 -20.86
C TYR A 143 -9.29 8.05 -19.46
N GLY A 144 -9.58 6.75 -19.35
CA GLY A 144 -9.76 6.12 -18.07
C GLY A 144 -11.05 5.32 -18.03
N LYS A 145 -11.66 5.28 -16.86
CA LYS A 145 -12.87 4.51 -16.61
C LYS A 145 -14.00 5.42 -16.19
N ASN A 146 -15.20 5.13 -16.70
CA ASN A 146 -16.42 5.83 -16.30
C ASN A 146 -17.39 4.79 -15.76
N TYR A 147 -17.57 4.76 -14.45
CA TYR A 147 -18.37 3.72 -13.81
C TYR A 147 -19.85 4.02 -13.93
N LEU A 148 -20.62 2.99 -14.28
CA LEU A 148 -22.06 3.09 -14.42
C LEU A 148 -22.72 2.52 -13.18
N TYR A 149 -23.54 3.33 -12.51
CA TYR A 149 -24.16 2.93 -11.26
C TYR A 149 -25.64 2.62 -11.47
N ASN A 150 -26.13 1.63 -10.73
CA ASN A 150 -27.51 1.20 -10.84
C ASN A 150 -28.46 2.28 -10.32
N ALA A 151 -29.59 2.41 -11.00
CA ALA A 151 -30.69 3.24 -10.53
C ALA A 151 -31.45 2.52 -9.43
N PRO A 152 -32.09 3.26 -8.52
CA PRO A 152 -32.83 2.60 -7.42
C PRO A 152 -34.02 1.82 -7.97
N GLY A 153 -33.96 0.49 -7.85
CA GLY A 153 -34.99 -0.40 -8.30
C GLY A 153 -34.80 -0.92 -9.72
N GLY A 154 -33.96 -0.28 -10.50
CA GLY A 154 -33.75 -0.68 -11.88
C GLY A 154 -32.73 -1.79 -12.00
N TYR A 155 -32.38 -2.08 -13.25
CA TYR A 155 -31.39 -3.11 -13.57
C TYR A 155 -30.07 -2.47 -13.99
N THR A 156 -29.04 -3.29 -14.07
CA THR A 156 -27.72 -2.78 -14.44
C THR A 156 -27.63 -2.62 -15.95
N PRO A 157 -26.85 -1.63 -16.42
CA PRO A 157 -26.63 -1.49 -17.86
C PRO A 157 -25.89 -2.65 -18.49
N CYS A 158 -25.22 -3.49 -17.69
CA CYS A 158 -24.41 -4.59 -18.21
C CYS A 158 -25.16 -5.91 -18.28
N LEU A 159 -26.49 -5.87 -18.26
CA LEU A 159 -27.28 -7.11 -18.25
C LEU A 159 -27.04 -7.93 -19.51
N SER A 160 -27.11 -7.30 -20.68
CA SER A 160 -26.97 -8.03 -21.94
C SER A 160 -25.59 -8.67 -22.04
N LEU A 161 -24.55 -7.94 -21.61
CA LEU A 161 -23.19 -8.47 -21.66
C LEU A 161 -22.98 -9.55 -20.61
N ALA A 162 -23.55 -9.38 -19.42
CA ALA A 162 -23.35 -10.34 -18.34
C ALA A 162 -24.19 -11.60 -18.56
N SER A 163 -25.14 -11.55 -19.49
CA SER A 163 -26.04 -12.66 -19.75
C SER A 163 -25.30 -13.94 -20.09
N SER A 164 -24.11 -13.82 -20.71
CA SER A 164 -23.33 -14.99 -21.07
C SER A 164 -22.89 -15.80 -19.86
N GLY A 165 -22.79 -15.17 -18.69
CA GLY A 165 -22.39 -15.85 -17.47
C GLY A 165 -20.88 -15.83 -17.26
N PHE A 166 -20.48 -16.22 -16.06
CA PHE A 166 -19.09 -16.20 -15.64
C PHE A 166 -18.66 -17.59 -15.19
N SER A 167 -17.45 -17.98 -15.57
CA SER A 167 -16.91 -19.30 -15.25
C SER A 167 -15.98 -19.29 -14.04
N SER A 168 -15.08 -18.32 -13.95
CA SER A 168 -14.10 -18.26 -12.89
C SER A 168 -14.22 -16.94 -12.13
N ASP A 169 -13.39 -16.76 -11.11
CA ASP A 169 -13.41 -15.55 -10.32
C ASP A 169 -12.89 -14.37 -11.13
N ARG A 170 -13.58 -13.23 -10.99
CA ARG A 170 -13.19 -11.98 -11.64
C ARG A 170 -12.99 -12.16 -13.14
N GLN A 171 -14.04 -12.65 -13.80
CA GLN A 171 -14.01 -12.82 -15.25
C GLN A 171 -14.68 -11.62 -15.91
N SER A 172 -14.06 -11.12 -16.97
CA SER A 172 -14.49 -9.88 -17.61
C SER A 172 -15.03 -10.15 -19.01
N HIS A 173 -16.09 -9.44 -19.36
CA HIS A 173 -16.67 -9.45 -20.70
C HIS A 173 -16.64 -8.03 -21.26
N ARG A 174 -16.27 -7.91 -22.53
CA ARG A 174 -16.10 -6.62 -23.19
C ARG A 174 -16.91 -6.58 -24.47
N GLN A 175 -17.60 -5.46 -24.69
CA GLN A 175 -18.36 -5.23 -25.90
C GLN A 175 -17.94 -3.91 -26.52
N GLN A 176 -17.53 -3.94 -27.78
CA GLN A 176 -17.07 -2.73 -28.46
C GLN A 176 -18.24 -1.79 -28.71
N LEU A 177 -17.97 -0.49 -28.58
CA LEU A 177 -18.95 0.56 -28.86
C LEU A 177 -18.42 1.45 -29.97
N SER A 178 -19.22 2.45 -30.34
CA SER A 178 -18.80 3.39 -31.37
C SER A 178 -17.66 4.29 -30.92
N ASP A 179 -17.51 4.52 -29.62
CA ASP A 179 -16.50 5.43 -29.09
C ASP A 179 -15.83 4.83 -27.85
N GLY A 180 -15.47 3.56 -27.93
CA GLY A 180 -14.75 2.91 -26.84
C GLY A 180 -15.27 1.49 -26.64
N TYR A 181 -15.41 1.10 -25.37
CA TYR A 181 -15.92 -0.23 -25.08
C TYR A 181 -16.72 -0.20 -23.78
N LEU A 182 -17.39 -1.32 -23.50
CA LEU A 182 -18.14 -1.51 -22.27
C LEU A 182 -17.67 -2.80 -21.62
N VAL A 183 -17.25 -2.72 -20.36
CA VAL A 183 -16.67 -3.86 -19.66
C VAL A 183 -17.52 -4.18 -18.45
N THR A 184 -17.73 -5.48 -18.21
CA THR A 184 -18.36 -5.98 -17.00
C THR A 184 -17.49 -7.07 -16.40
N THR A 185 -17.54 -7.20 -15.08
CA THR A 185 -16.69 -8.14 -14.35
C THR A 185 -17.51 -8.89 -13.32
N GLY A 186 -17.25 -10.19 -13.19
CA GLY A 186 -17.97 -11.02 -12.26
C GLY A 186 -17.09 -11.78 -11.30
N SER A 187 -17.51 -11.84 -10.04
CA SER A 187 -16.83 -12.59 -8.99
C SER A 187 -17.64 -13.82 -8.65
N VAL A 188 -16.95 -14.94 -8.40
CA VAL A 188 -17.56 -16.25 -8.26
C VAL A 188 -17.15 -16.87 -6.93
N TYR A 189 -18.14 -17.27 -6.14
CA TYR A 189 -17.90 -18.02 -4.91
C TYR A 189 -18.85 -19.22 -4.85
N ALA A 190 -18.28 -20.38 -4.57
CA ALA A 190 -19.03 -21.64 -4.63
C ALA A 190 -20.03 -21.75 -3.49
N VAL A 191 -21.05 -22.59 -3.70
CA VAL A 191 -22.09 -22.82 -2.71
C VAL A 191 -21.69 -24.04 -1.88
N ASN A 192 -21.61 -23.85 -0.56
CA ASN A 192 -21.32 -24.94 0.37
C ASN A 192 -22.38 -24.92 1.47
N GLY A 193 -23.14 -26.00 1.58
CA GLY A 193 -24.21 -26.06 2.56
C GLY A 193 -25.58 -25.89 1.94
N ASN A 194 -26.62 -25.83 2.78
CA ASN A 194 -27.97 -25.62 2.30
C ASN A 194 -28.09 -24.28 1.59
N LEU A 195 -28.74 -24.26 0.43
CA LEU A 195 -28.80 -23.06 -0.40
C LEU A 195 -29.57 -21.95 0.29
N GLN A 196 -29.05 -20.73 0.23
CA GLN A 196 -29.68 -19.55 0.81
C GLN A 196 -30.09 -18.60 -0.30
N MET A 197 -31.25 -17.96 -0.12
CA MET A 197 -31.85 -17.13 -1.16
C MET A 197 -32.63 -16.01 -0.51
N ALA A 198 -32.64 -14.84 -1.16
CA ALA A 198 -33.20 -13.64 -0.59
C ALA A 198 -34.34 -13.09 -1.42
N PHE A 199 -35.26 -12.41 -0.73
CA PHE A 199 -36.43 -11.79 -1.33
C PHE A 199 -36.48 -10.32 -0.92
N ILE A 200 -36.81 -9.46 -1.86
CA ILE A 200 -37.15 -8.06 -1.59
C ILE A 200 -38.61 -7.89 -1.95
N ILE A 201 -39.43 -7.60 -0.94
CA ILE A 201 -40.87 -7.49 -1.10
C ILE A 201 -41.27 -6.02 -0.96
N SER A 202 -41.92 -5.48 -1.98
CA SER A 202 -42.38 -4.11 -1.99
C SER A 202 -43.89 -4.07 -2.20
N VAL A 203 -44.59 -3.33 -1.36
CA VAL A 203 -46.05 -3.22 -1.42
C VAL A 203 -46.42 -1.83 -1.91
N GLN A 204 -47.39 -1.77 -2.81
CA GLN A 204 -47.81 -0.51 -3.42
C GLN A 204 -49.25 -0.21 -2.97
N TYR A 205 -49.46 1.02 -2.49
CA TYR A 205 -50.78 1.47 -2.04
C TYR A 205 -51.46 2.40 -3.04
N GLY A 206 -50.86 2.63 -4.20
CA GLY A 206 -51.23 3.80 -4.98
C GLY A 206 -52.63 3.90 -5.54
N THR A 207 -52.95 3.14 -6.57
CA THR A 207 -54.25 3.31 -7.23
C THR A 207 -55.12 2.05 -7.27
N ASP A 208 -54.56 0.98 -7.83
CA ASP A 208 -55.40 -0.11 -8.34
C ASP A 208 -55.72 -1.19 -7.32
N THR A 209 -56.89 -1.06 -6.68
CA THR A 209 -57.55 -2.07 -5.84
C THR A 209 -56.66 -2.82 -4.86
N ASN A 210 -56.97 -2.72 -3.57
CA ASN A 210 -56.25 -3.50 -2.57
C ASN A 210 -56.71 -4.95 -2.62
N SER A 211 -56.52 -5.59 -3.78
CA SER A 211 -57.00 -6.95 -4.02
C SER A 211 -55.95 -8.01 -3.72
N VAL A 212 -54.72 -7.63 -3.43
CA VAL A 212 -53.69 -8.58 -2.99
C VAL A 212 -53.92 -8.77 -1.49
N CYS A 213 -54.71 -9.79 -1.15
CA CYS A 213 -55.18 -9.90 0.22
C CYS A 213 -54.71 -11.20 0.86
N PRO A 214 -54.54 -11.22 2.19
CA PRO A 214 -54.10 -12.47 2.84
C PRO A 214 -55.16 -13.56 2.75
N MET A 215 -54.68 -14.80 2.73
CA MET A 215 -55.56 -15.96 2.66
C MET A 215 -56.13 -16.30 4.03
N THR B 2 -5.17 13.36 -38.31
CA THR B 2 -4.49 13.61 -37.04
C THR B 2 -4.05 12.29 -36.40
N THR B 3 -2.77 12.22 -36.02
CA THR B 3 -2.23 11.02 -35.42
C THR B 3 -2.62 10.83 -33.97
N GLU B 4 -3.21 11.85 -33.34
CA GLU B 4 -3.69 11.70 -31.97
C GLU B 4 -4.81 10.67 -31.89
N ASP B 5 -5.66 10.62 -32.92
CA ASP B 5 -6.76 9.66 -32.92
C ASP B 5 -6.27 8.24 -33.21
N LEU B 6 -5.16 8.09 -33.94
CA LEU B 6 -4.55 6.78 -34.06
C LEU B 6 -3.83 6.36 -32.80
N ALA B 7 -3.44 7.32 -31.95
CA ALA B 7 -2.94 7.01 -30.62
C ALA B 7 -4.05 6.63 -29.66
N LYS B 8 -5.23 7.25 -29.79
CA LYS B 8 -6.33 6.95 -28.90
C LYS B 8 -6.78 5.49 -29.04
N THR B 9 -6.91 5.00 -30.27
CA THR B 9 -7.34 3.61 -30.46
C THR B 9 -6.29 2.63 -29.95
N PHE B 10 -5.01 2.93 -30.18
CA PHE B 10 -3.95 2.08 -29.67
C PHE B 10 -3.98 2.03 -28.15
N LEU B 11 -4.17 3.18 -27.51
CA LEU B 11 -4.27 3.20 -26.06
C LEU B 11 -5.51 2.46 -25.57
N GLU B 12 -6.61 2.56 -26.30
CA GLU B 12 -7.83 1.85 -25.91
C GLU B 12 -7.62 0.34 -25.95
N LYS B 13 -6.96 -0.17 -26.99
CA LYS B 13 -6.65 -1.60 -27.02
C LYS B 13 -5.67 -1.97 -25.92
N PHE B 14 -4.62 -1.17 -25.73
CA PHE B 14 -3.57 -1.51 -24.78
C PHE B 14 -4.11 -1.52 -23.35
N ASN B 15 -5.01 -0.59 -23.02
CA ASN B 15 -5.55 -0.55 -21.67
C ASN B 15 -6.24 -1.85 -21.31
N TYR B 16 -7.13 -2.34 -22.17
CA TYR B 16 -7.82 -3.60 -21.90
C TYR B 16 -6.87 -4.79 -21.89
N GLU B 17 -5.94 -4.86 -22.86
CA GLU B 17 -5.02 -5.99 -22.88
C GLU B 17 -4.15 -6.03 -21.63
N ALA B 18 -3.60 -4.88 -21.23
CA ALA B 18 -2.78 -4.82 -20.03
C ALA B 18 -3.60 -5.09 -18.77
N GLU B 19 -4.84 -4.60 -18.70
CA GLU B 19 -5.67 -4.87 -17.54
C GLU B 19 -5.96 -6.36 -17.40
N GLU B 20 -6.21 -7.04 -18.51
CA GLU B 20 -6.48 -8.47 -18.47
C GLU B 20 -5.22 -9.31 -18.29
N LEU B 21 -4.05 -8.80 -18.62
CA LEU B 21 -2.83 -9.59 -18.53
C LEU B 21 -2.05 -9.38 -17.23
N SER B 22 -2.12 -8.19 -16.64
CA SER B 22 -1.41 -7.95 -15.38
C SER B 22 -2.15 -8.57 -14.20
N TYR B 23 -3.47 -8.69 -14.29
CA TYR B 23 -4.23 -9.29 -13.19
C TYR B 23 -3.85 -10.73 -12.97
N GLN B 24 -3.63 -11.49 -14.06
CA GLN B 24 -3.24 -12.88 -13.92
C GLN B 24 -1.87 -13.01 -13.27
N ASN B 25 -0.93 -12.15 -13.64
CA ASN B 25 0.38 -12.16 -13.00
C ASN B 25 0.27 -11.84 -11.51
N SER B 26 -0.52 -10.82 -11.17
CA SER B 26 -0.70 -10.46 -9.77
C SER B 26 -1.35 -11.60 -8.99
N LEU B 27 -2.33 -12.26 -9.59
CA LEU B 27 -2.99 -13.38 -8.93
C LEU B 27 -2.04 -14.54 -8.73
N ALA B 28 -1.19 -14.82 -9.71
CA ALA B 28 -0.20 -15.89 -9.55
C ALA B 28 0.78 -15.55 -8.43
N SER B 29 1.24 -14.30 -8.37
CA SER B 29 2.13 -13.89 -7.29
C SER B 29 1.45 -14.03 -5.93
N TRP B 30 0.19 -13.64 -5.83
CA TRP B 30 -0.55 -13.77 -4.59
C TRP B 30 -0.71 -15.24 -4.19
N ASN B 31 -1.02 -16.10 -5.16
CA ASN B 31 -1.18 -17.53 -4.86
C ASN B 31 0.13 -18.13 -4.39
N TYR B 32 1.25 -17.76 -5.02
CA TYR B 32 2.55 -18.26 -4.57
C TYR B 32 2.87 -17.76 -3.17
N ASN B 33 2.62 -16.48 -2.91
CA ASN B 33 3.00 -15.92 -1.61
C ASN B 33 2.08 -16.41 -0.49
N THR B 34 0.89 -16.88 -0.83
CA THR B 34 -0.05 -17.37 0.17
C THR B 34 0.11 -18.86 0.42
N ASN B 35 0.29 -19.66 -0.63
CA ASN B 35 0.63 -21.09 -0.48
C ASN B 35 1.90 -21.34 -1.27
N ILE B 36 3.02 -21.48 -0.55
CA ILE B 36 4.31 -21.74 -1.18
C ILE B 36 4.40 -23.23 -1.49
N THR B 37 4.41 -23.56 -2.78
CA THR B 37 4.53 -24.94 -3.24
C THR B 37 5.47 -24.96 -4.44
N ASP B 38 5.49 -26.09 -5.15
CA ASP B 38 6.30 -26.21 -6.36
C ASP B 38 5.53 -25.88 -7.63
N GLU B 39 4.21 -26.10 -7.64
CA GLU B 39 3.41 -25.73 -8.80
C GLU B 39 3.18 -24.22 -8.84
N ASN B 40 3.00 -23.60 -7.67
CA ASN B 40 2.65 -22.18 -7.61
C ASN B 40 3.78 -21.31 -8.14
N ILE B 41 5.03 -21.63 -7.82
CA ILE B 41 6.15 -20.84 -8.31
C ILE B 41 6.28 -20.96 -9.82
N GLN B 42 6.09 -22.18 -10.35
CA GLN B 42 6.16 -22.36 -11.80
C GLN B 42 5.05 -21.57 -12.50
N LYS B 43 3.83 -21.61 -11.96
CA LYS B 43 2.76 -20.79 -12.52
C LYS B 43 3.05 -19.30 -12.42
N MET B 44 3.66 -18.85 -11.31
CA MET B 44 4.02 -17.45 -11.17
C MET B 44 5.00 -17.02 -12.24
N ASN B 45 6.04 -17.82 -12.47
CA ASN B 45 6.98 -17.52 -13.54
C ASN B 45 6.34 -17.56 -14.93
N ILE B 46 5.46 -18.53 -15.18
CA ILE B 46 4.79 -18.62 -16.47
C ILE B 46 3.94 -17.38 -16.72
N ALA B 47 3.20 -16.95 -15.71
CA ALA B 47 2.38 -15.75 -15.82
C ALA B 47 3.21 -14.47 -15.90
N GLY B 48 4.37 -14.42 -15.26
CA GLY B 48 5.21 -13.25 -15.34
C GLY B 48 5.99 -13.11 -16.62
N ALA B 49 6.26 -14.21 -17.32
CA ALA B 49 6.88 -14.14 -18.64
C ALA B 49 5.97 -13.56 -19.71
N LYS B 50 4.69 -13.96 -19.73
CA LYS B 50 3.75 -13.44 -20.71
C LYS B 50 3.55 -11.94 -20.57
N TRP B 51 3.42 -11.46 -19.33
CA TRP B 51 3.25 -10.03 -19.09
C TRP B 51 4.47 -9.25 -19.58
N SER B 52 5.68 -9.75 -19.30
CA SER B 52 6.88 -9.07 -19.76
C SER B 52 6.95 -9.05 -21.28
N ALA B 53 6.64 -10.18 -21.94
CA ALA B 53 6.68 -10.21 -23.39
C ALA B 53 5.68 -9.24 -24.00
N PHE B 54 4.45 -9.22 -23.47
CA PHE B 54 3.43 -8.31 -23.98
C PHE B 54 3.83 -6.86 -23.77
N TYR B 55 4.38 -6.54 -22.59
CA TYR B 55 4.78 -5.17 -22.32
C TYR B 55 5.92 -4.73 -23.24
N GLU B 56 6.87 -5.63 -23.49
CA GLU B 56 7.96 -5.30 -24.41
C GLU B 56 7.43 -5.06 -25.82
N GLU B 57 6.52 -5.91 -26.28
CA GLU B 57 5.96 -5.74 -27.62
C GLU B 57 5.22 -4.42 -27.73
N GLU B 58 4.39 -4.09 -26.73
CA GLU B 58 3.62 -2.85 -26.79
C GLU B 58 4.52 -1.62 -26.66
N SER B 59 5.57 -1.71 -25.85
CA SER B 59 6.51 -0.60 -25.75
C SER B 59 7.23 -0.37 -27.07
N GLN B 60 7.61 -1.45 -27.75
CA GLN B 60 8.21 -1.31 -29.07
C GLN B 60 7.24 -0.70 -30.07
N HIS B 61 5.97 -1.11 -30.02
CA HIS B 61 4.98 -0.57 -30.94
C HIS B 61 4.62 0.88 -30.64
N ALA B 62 4.78 1.32 -29.38
CA ALA B 62 4.34 2.66 -29.00
C ALA B 62 5.23 3.76 -29.57
N LYS B 63 6.46 3.44 -29.97
CA LYS B 63 7.34 4.46 -30.54
C LYS B 63 6.89 4.90 -31.92
N THR B 64 5.91 4.24 -32.53
CA THR B 64 5.41 4.65 -33.84
C THR B 64 4.80 6.04 -33.80
N TYR B 65 4.31 6.47 -32.63
CA TYR B 65 3.67 7.78 -32.51
C TYR B 65 4.64 8.74 -31.84
N PRO B 66 5.23 9.69 -32.57
CA PRO B 66 6.12 10.66 -31.95
C PRO B 66 5.36 11.62 -31.04
N LEU B 67 6.07 12.14 -30.04
CA LEU B 67 5.46 12.92 -28.97
C LEU B 67 5.37 14.42 -29.25
N GLU B 68 5.98 14.91 -30.33
CA GLU B 68 6.02 16.35 -30.54
C GLU B 68 4.80 16.91 -31.23
N GLU B 69 3.81 16.06 -31.55
CA GLU B 69 2.59 16.53 -32.19
C GLU B 69 1.32 16.18 -31.41
N ILE B 70 1.42 15.35 -30.38
CA ILE B 70 0.26 15.09 -29.52
C ILE B 70 0.03 16.29 -28.62
N GLN B 71 -1.21 16.76 -28.56
CA GLN B 71 -1.53 17.95 -27.79
C GLN B 71 -2.34 17.67 -26.53
N ASP B 72 -2.96 16.51 -26.41
CA ASP B 72 -3.69 16.17 -25.19
C ASP B 72 -2.70 15.78 -24.10
N PRO B 73 -2.69 16.46 -22.95
CA PRO B 73 -1.73 16.10 -21.89
C PRO B 73 -1.88 14.67 -21.39
N ILE B 74 -3.12 14.16 -21.30
CA ILE B 74 -3.34 12.81 -20.80
C ILE B 74 -2.77 11.77 -21.77
N ILE B 75 -3.04 11.94 -23.06
CA ILE B 75 -2.55 10.99 -24.05
C ILE B 75 -1.03 11.01 -24.09
N LYS B 76 -0.43 12.20 -24.03
CA LYS B 76 1.02 12.31 -24.03
C LYS B 76 1.63 11.66 -22.78
N ARG B 77 0.99 11.86 -21.62
CA ARG B 77 1.48 11.25 -20.40
C ARG B 77 1.41 9.73 -20.46
N GLN B 78 0.33 9.19 -21.02
CA GLN B 78 0.25 7.74 -21.19
C GLN B 78 1.30 7.24 -22.18
N LEU B 79 1.53 7.99 -23.26
CA LEU B 79 2.47 7.54 -24.28
C LEU B 79 3.91 7.58 -23.78
N ARG B 80 4.25 8.56 -22.95
CA ARG B 80 5.63 8.68 -22.47
C ARG B 80 6.03 7.47 -21.63
N ALA B 81 5.12 6.97 -20.79
CA ALA B 81 5.44 5.81 -19.96
C ALA B 81 5.72 4.59 -20.82
N LEU B 82 4.99 4.43 -21.93
CA LEU B 82 5.23 3.30 -22.82
C LEU B 82 6.53 3.48 -23.60
N GLN B 83 6.78 4.67 -24.13
CA GLN B 83 7.94 4.89 -24.99
C GLN B 83 9.25 4.92 -24.21
N GLN B 84 9.22 5.04 -22.88
CA GLN B 84 10.44 5.04 -22.09
C GLN B 84 10.98 3.61 -22.07
N SER B 85 12.10 3.41 -22.76
CA SER B 85 12.72 2.10 -22.85
C SER B 85 14.02 2.06 -22.05
N GLY B 86 14.25 0.93 -21.39
CA GLY B 86 15.40 0.80 -20.51
C GLY B 86 16.47 -0.16 -21.02
N SER B 87 16.53 -1.34 -20.40
CA SER B 87 17.58 -2.30 -20.70
C SER B 87 17.49 -2.88 -22.10
N SER B 88 16.35 -2.73 -22.78
CA SER B 88 16.19 -3.30 -24.12
C SER B 88 16.77 -2.39 -25.18
N VAL B 89 17.99 -1.90 -24.97
CA VAL B 89 18.70 -1.11 -25.97
C VAL B 89 20.09 -1.65 -26.29
N LEU B 90 20.73 -2.38 -25.38
CA LEU B 90 22.06 -2.92 -25.61
C LEU B 90 21.98 -4.11 -26.57
N SER B 91 23.14 -4.67 -26.87
CA SER B 91 23.18 -5.89 -27.66
C SER B 91 22.72 -7.08 -26.81
N ALA B 92 22.49 -8.21 -27.49
CA ALA B 92 22.05 -9.41 -26.77
C ALA B 92 23.12 -9.87 -25.79
N ASP B 93 24.39 -9.87 -26.21
CA ASP B 93 25.47 -10.29 -25.33
C ASP B 93 25.57 -9.40 -24.10
N LYS B 94 25.52 -8.09 -24.30
CA LYS B 94 25.59 -7.17 -23.17
C LYS B 94 24.39 -7.35 -22.25
N ARG B 95 23.20 -7.57 -22.83
CA ARG B 95 22.01 -7.77 -22.02
C ARG B 95 22.13 -9.01 -21.15
N GLU B 96 22.56 -10.13 -21.73
CA GLU B 96 22.65 -11.35 -20.93
C GLU B 96 23.79 -11.26 -19.92
N ARG B 97 24.88 -10.56 -20.27
CA ARG B 97 25.94 -10.36 -19.30
C ARG B 97 25.47 -9.54 -18.11
N LEU B 98 24.70 -8.47 -18.37
CA LEU B 98 24.16 -7.66 -17.29
C LEU B 98 23.20 -8.48 -16.42
N ASN B 99 22.34 -9.30 -17.06
CA ASN B 99 21.42 -10.12 -16.29
C ASN B 99 22.17 -11.12 -15.42
N THR B 100 23.21 -11.75 -15.97
CA THR B 100 23.99 -12.70 -15.18
C THR B 100 24.71 -12.02 -14.03
N ILE B 101 25.24 -10.81 -14.26
CA ILE B 101 25.93 -10.09 -13.19
C ILE B 101 24.95 -9.73 -12.09
N LEU B 102 23.76 -9.26 -12.46
CA LEU B 102 22.75 -8.91 -11.46
C LEU B 102 22.33 -10.14 -10.65
N ASN B 103 22.10 -11.26 -11.34
CA ASN B 103 21.72 -12.49 -10.64
C ASN B 103 22.82 -12.96 -9.70
N ALA B 104 24.07 -12.89 -10.15
CA ALA B 104 25.18 -13.33 -9.32
C ALA B 104 25.32 -12.45 -8.09
N MET B 105 25.17 -11.13 -8.25
CA MET B 105 25.24 -10.24 -7.10
C MET B 105 24.11 -10.53 -6.12
N SER B 106 22.90 -10.73 -6.63
CA SER B 106 21.76 -11.01 -5.75
C SER B 106 21.96 -12.31 -4.99
N THR B 107 22.43 -13.36 -5.66
CA THR B 107 22.62 -14.65 -4.98
C THR B 107 23.83 -14.65 -4.07
N ILE B 108 24.84 -13.82 -4.33
CA ILE B 108 25.94 -13.68 -3.40
C ILE B 108 25.48 -12.97 -2.13
N TYR B 109 24.67 -11.93 -2.28
CA TYR B 109 24.13 -11.25 -1.10
C TYR B 109 23.20 -12.17 -0.30
N SER B 110 22.36 -12.94 -0.98
CA SER B 110 21.36 -13.75 -0.31
C SER B 110 21.91 -15.02 0.32
N THR B 111 23.07 -15.50 -0.11
CA THR B 111 23.65 -16.76 0.36
C THR B 111 25.09 -16.55 0.82
N GLY B 112 25.31 -15.52 1.61
CA GLY B 112 26.64 -15.21 2.14
C GLY B 112 26.70 -15.52 3.63
N LYS B 113 27.84 -16.07 4.05
CA LYS B 113 28.04 -16.48 5.44
C LYS B 113 29.32 -15.86 5.98
N ALA B 114 29.28 -15.48 7.25
CA ALA B 114 30.45 -15.02 7.98
C ALA B 114 30.66 -15.91 9.20
N CYS B 115 31.89 -16.36 9.40
CA CYS B 115 32.22 -17.30 10.46
C CYS B 115 33.06 -16.64 11.54
N ASN B 116 32.86 -17.09 12.78
CA ASN B 116 33.57 -16.51 13.92
C ASN B 116 35.06 -16.76 13.77
N PRO B 117 35.90 -15.73 13.93
CA PRO B 117 37.35 -15.96 13.91
C PRO B 117 37.85 -16.86 15.02
N ASN B 118 37.12 -16.96 16.13
CA ASN B 118 37.48 -17.84 17.24
C ASN B 118 36.80 -19.20 17.15
N ASN B 119 35.53 -19.24 16.78
CA ASN B 119 34.80 -20.50 16.66
C ASN B 119 34.63 -20.84 15.19
N PRO B 120 35.30 -21.88 14.68
CA PRO B 120 35.17 -22.22 13.26
C PRO B 120 33.82 -22.80 12.87
N GLN B 121 32.99 -23.18 13.85
CA GLN B 121 31.67 -23.74 13.59
C GLN B 121 30.57 -22.71 13.84
N GLU B 122 30.86 -21.44 13.51
CA GLU B 122 29.90 -20.35 13.70
C GLU B 122 29.68 -19.58 12.41
N CYS B 123 29.51 -20.29 11.29
CA CYS B 123 29.22 -19.65 10.01
C CYS B 123 27.74 -19.30 9.95
N LEU B 124 27.42 -18.02 10.03
CA LEU B 124 26.04 -17.56 10.16
C LEU B 124 25.61 -16.81 8.91
N LEU B 125 24.35 -16.99 8.53
CA LEU B 125 23.75 -16.18 7.48
C LEU B 125 23.47 -14.77 8.01
N LEU B 126 23.29 -13.84 7.08
CA LEU B 126 23.03 -12.46 7.48
C LEU B 126 21.66 -12.31 8.13
N GLU B 127 20.65 -12.98 7.59
CA GLU B 127 19.28 -12.76 8.02
C GLU B 127 19.02 -13.26 9.44
N PRO B 128 19.14 -14.57 9.74
CA PRO B 128 18.77 -15.03 11.08
C PRO B 128 19.81 -14.72 12.15
N GLY B 129 21.09 -14.97 11.84
CA GLY B 129 22.12 -14.94 12.86
C GLY B 129 22.90 -13.64 12.99
N LEU B 130 23.47 -13.16 11.88
CA LEU B 130 24.27 -11.95 11.93
C LEU B 130 23.42 -10.75 12.31
N ASP B 131 22.19 -10.68 11.79
CA ASP B 131 21.28 -9.61 12.20
C ASP B 131 20.97 -9.70 13.69
N ASP B 132 20.74 -10.91 14.19
CA ASP B 132 20.45 -11.08 15.62
C ASP B 132 21.62 -10.59 16.45
N ILE B 133 22.85 -10.90 16.04
CA ILE B 133 24.02 -10.43 16.76
C ILE B 133 24.11 -8.90 16.71
N MET B 134 23.87 -8.32 15.53
CA MET B 134 24.09 -6.89 15.36
C MET B 134 22.94 -6.03 15.86
N GLU B 135 21.80 -6.61 16.25
CA GLU B 135 20.72 -5.85 16.84
C GLU B 135 20.45 -6.16 18.30
N ASN B 136 21.03 -7.21 18.85
CA ASN B 136 20.75 -7.66 20.22
C ASN B 136 22.02 -8.02 20.95
N SER B 137 23.03 -7.15 20.89
CA SER B 137 24.29 -7.40 21.58
C SER B 137 24.82 -6.10 22.17
N LYS B 138 25.66 -6.25 23.19
CA LYS B 138 26.36 -5.13 23.81
C LYS B 138 27.86 -5.37 23.91
N ASP B 139 28.36 -6.46 23.33
CA ASP B 139 29.78 -6.78 23.39
C ASP B 139 30.50 -6.10 22.23
N TYR B 140 31.54 -5.34 22.55
CA TYR B 140 32.30 -4.62 21.53
C TYR B 140 32.94 -5.59 20.55
N ASN B 141 33.56 -6.66 21.06
CA ASN B 141 34.31 -7.57 20.19
C ASN B 141 33.36 -8.42 19.35
N GLU B 142 32.25 -8.87 19.92
CA GLU B 142 31.28 -9.64 19.16
C GLU B 142 30.72 -8.82 18.00
N ARG B 143 30.32 -7.59 18.29
CA ARG B 143 29.81 -6.71 17.24
C ARG B 143 30.89 -6.43 16.20
N LEU B 144 32.13 -6.23 16.64
CA LEU B 144 33.22 -5.95 15.71
C LEU B 144 33.44 -7.11 14.76
N TRP B 145 33.48 -8.34 15.29
CA TRP B 145 33.73 -9.48 14.41
C TRP B 145 32.54 -9.72 13.50
N ALA B 146 31.31 -9.54 14.00
CA ALA B 146 30.14 -9.72 13.13
C ALA B 146 30.12 -8.70 12.00
N TRP B 147 30.51 -7.46 12.28
CA TRP B 147 30.59 -6.43 11.25
C TRP B 147 31.67 -6.76 10.23
N GLU B 148 32.88 -7.06 10.71
CA GLU B 148 34.01 -7.27 9.81
C GLU B 148 33.85 -8.52 8.97
N GLY B 149 33.27 -9.59 9.54
CA GLY B 149 33.07 -10.81 8.77
C GLY B 149 32.11 -10.60 7.60
N TRP B 150 31.02 -9.89 7.84
CA TRP B 150 30.10 -9.58 6.76
C TRP B 150 30.76 -8.68 5.72
N ARG B 151 31.53 -7.69 6.16
CA ARG B 151 32.18 -6.81 5.19
C ARG B 151 33.31 -7.48 4.41
N SER B 152 33.90 -8.55 4.94
CA SER B 152 35.05 -9.17 4.30
C SER B 152 34.73 -10.45 3.55
N GLU B 153 33.66 -11.15 3.91
CA GLU B 153 33.35 -12.41 3.23
C GLU B 153 32.39 -12.23 2.07
N VAL B 154 31.50 -11.24 2.14
CA VAL B 154 30.54 -10.99 1.08
C VAL B 154 30.87 -9.71 0.32
N GLY B 155 31.27 -8.66 1.03
CA GLY B 155 31.58 -7.39 0.39
C GLY B 155 32.91 -7.37 -0.34
N LYS B 156 33.72 -8.42 -0.20
CA LYS B 156 35.01 -8.48 -0.89
C LYS B 156 34.90 -9.15 -2.25
N GLN B 157 34.01 -10.12 -2.40
CA GLN B 157 33.81 -10.80 -3.68
C GLN B 157 32.70 -10.17 -4.51
N LEU B 158 32.14 -9.05 -4.06
CA LEU B 158 31.15 -8.33 -4.83
C LEU B 158 31.75 -7.20 -5.66
N ARG B 159 32.92 -6.69 -5.29
CA ARG B 159 33.50 -5.56 -6.02
C ARG B 159 33.82 -5.87 -7.47
N PRO B 160 34.42 -7.02 -7.84
CA PRO B 160 34.61 -7.29 -9.28
C PRO B 160 33.31 -7.28 -10.07
N LEU B 161 32.22 -7.78 -9.48
CA LEU B 161 30.93 -7.73 -10.16
C LEU B 161 30.39 -6.31 -10.23
N TYR B 162 30.49 -5.55 -9.14
CA TYR B 162 29.99 -4.19 -9.11
C TYR B 162 30.76 -3.25 -10.03
N GLU B 163 32.03 -3.55 -10.32
CA GLU B 163 32.79 -2.74 -11.26
C GLU B 163 32.31 -2.89 -12.69
N GLU B 164 31.97 -4.11 -13.11
CA GLU B 164 31.38 -4.32 -14.42
C GLU B 164 29.94 -3.86 -14.48
N TYR B 165 29.20 -3.95 -13.37
CA TYR B 165 27.83 -3.47 -13.32
C TYR B 165 27.73 -1.98 -13.58
N VAL B 166 28.63 -1.19 -13.00
CA VAL B 166 28.63 0.25 -13.24
C VAL B 166 28.86 0.60 -14.70
N ALA B 167 29.82 -0.03 -15.36
CA ALA B 167 30.07 0.22 -16.77
C ALA B 167 28.90 -0.23 -17.64
N LEU B 168 28.37 -1.43 -17.38
CA LEU B 168 27.27 -1.94 -18.18
C LEU B 168 26.01 -1.09 -18.05
N LYS B 169 25.69 -0.63 -16.84
CA LYS B 169 24.53 0.24 -16.66
C LYS B 169 24.76 1.63 -17.22
N ASN B 170 26.00 2.15 -17.13
CA ASN B 170 26.29 3.46 -17.71
C ASN B 170 26.17 3.41 -19.23
N GLU B 171 26.59 2.32 -19.85
CA GLU B 171 26.41 2.17 -21.29
C GLU B 171 24.94 2.18 -21.68
N MET B 172 24.11 1.45 -20.93
CA MET B 172 22.68 1.43 -21.20
C MET B 172 22.06 2.81 -21.03
N ALA B 173 22.47 3.54 -19.97
CA ALA B 173 21.93 4.87 -19.75
C ALA B 173 22.33 5.83 -20.85
N ARG B 174 23.60 5.77 -21.29
CA ARG B 174 24.05 6.68 -22.34
C ARG B 174 23.49 6.29 -23.70
N ALA B 175 23.04 5.05 -23.87
CA ALA B 175 22.34 4.67 -25.08
C ALA B 175 20.88 5.10 -25.08
N ASN B 176 20.47 5.93 -24.12
CA ASN B 176 19.09 6.40 -24.01
C ASN B 176 19.01 7.91 -23.80
N ASN B 177 20.02 8.65 -24.27
CA ASN B 177 20.08 10.11 -24.12
C ASN B 177 20.07 10.51 -22.64
N TYR B 178 20.90 9.83 -21.85
CA TYR B 178 21.10 10.16 -20.45
C TYR B 178 22.58 10.34 -20.19
N GLU B 179 22.93 11.26 -19.30
CA GLU B 179 24.33 11.50 -18.98
C GLU B 179 24.96 10.27 -18.34
N ASP B 180 24.25 9.63 -17.41
CA ASP B 180 24.74 8.45 -16.72
C ASP B 180 23.54 7.73 -16.11
N TYR B 181 23.82 6.65 -15.38
CA TYR B 181 22.74 5.90 -14.75
C TYR B 181 22.12 6.69 -13.60
N GLY B 182 22.89 7.57 -12.95
CA GLY B 182 22.31 8.45 -11.96
C GLY B 182 21.29 9.40 -12.52
N ASP B 183 21.52 9.93 -13.72
CA ASP B 183 20.51 10.76 -14.39
C ASP B 183 19.26 9.94 -14.71
N TYR B 184 19.45 8.69 -15.15
CA TYR B 184 18.33 7.80 -15.39
C TYR B 184 17.50 7.61 -14.13
N TRP B 185 18.16 7.41 -12.99
CA TRP B 185 17.44 7.23 -11.74
C TRP B 185 16.74 8.52 -11.30
N ARG B 186 17.41 9.66 -11.47
CA ARG B 186 16.81 10.94 -11.10
C ARG B 186 15.67 11.32 -12.03
N GLY B 187 15.56 10.69 -13.19
CA GLY B 187 14.48 11.01 -14.11
C GLY B 187 13.09 10.68 -13.60
N ASP B 188 12.98 9.95 -12.49
CA ASP B 188 11.66 9.63 -11.94
C ASP B 188 10.96 10.86 -11.37
N TYR B 189 11.69 11.92 -11.09
CA TYR B 189 11.12 13.15 -10.56
C TYR B 189 10.97 14.24 -11.62
N GLU B 190 11.16 13.89 -12.89
CA GLU B 190 11.09 14.87 -13.96
C GLU B 190 9.65 15.07 -14.42
N GLU B 191 9.27 16.33 -14.63
CA GLU B 191 7.96 16.70 -15.15
C GLU B 191 8.15 17.70 -16.26
N GLU B 192 7.55 17.44 -17.42
CA GLU B 192 7.69 18.27 -18.59
C GLU B 192 6.34 18.74 -19.10
N TRP B 193 6.37 19.73 -19.99
CA TRP B 193 5.20 20.24 -20.71
C TRP B 193 4.13 20.79 -19.80
N ALA B 194 4.49 21.20 -18.58
CA ALA B 194 3.57 21.89 -17.70
C ALA B 194 3.83 23.39 -17.76
N ASP B 195 2.82 24.15 -17.32
CA ASP B 195 2.92 25.61 -17.40
C ASP B 195 3.96 26.14 -16.43
N GLY B 196 3.76 25.93 -15.14
CA GLY B 196 4.74 26.31 -14.14
C GLY B 196 5.07 25.14 -13.23
N TYR B 197 4.53 23.97 -13.57
CA TYR B 197 4.69 22.76 -12.78
C TYR B 197 5.76 21.83 -13.34
N ASN B 198 6.80 22.40 -13.94
CA ASN B 198 7.89 21.60 -14.49
C ASN B 198 8.93 21.33 -13.41
N TYR B 199 9.75 20.30 -13.65
CA TYR B 199 10.77 19.89 -12.70
C TYR B 199 11.89 19.22 -13.47
N SER B 200 13.09 19.78 -13.37
CA SER B 200 14.25 19.24 -14.07
C SER B 200 14.94 18.17 -13.23
N ARG B 201 15.68 17.30 -13.92
CA ARG B 201 16.44 16.27 -13.22
C ARG B 201 17.54 16.87 -12.36
N ASN B 202 18.10 18.01 -12.77
CA ASN B 202 19.13 18.68 -11.99
C ASN B 202 18.56 19.44 -10.80
N GLN B 203 17.25 19.65 -10.75
CA GLN B 203 16.63 20.32 -9.61
C GLN B 203 16.50 19.40 -8.40
N LEU B 204 16.47 18.08 -8.62
CA LEU B 204 16.37 17.15 -7.50
C LEU B 204 17.58 17.24 -6.60
N ILE B 205 18.78 17.34 -7.19
CA ILE B 205 20.00 17.45 -6.40
C ILE B 205 19.98 18.74 -5.57
N GLU B 206 19.59 19.85 -6.20
CA GLU B 206 19.53 21.11 -5.50
C GLU B 206 18.55 21.06 -4.33
N ASP B 207 17.36 20.49 -4.56
CA ASP B 207 16.37 20.41 -3.50
C ASP B 207 16.83 19.51 -2.36
N VAL B 208 17.45 18.37 -2.70
CA VAL B 208 17.91 17.45 -1.67
C VAL B 208 18.99 18.10 -0.81
N GLU B 209 19.95 18.77 -1.44
CA GLU B 209 21.00 19.44 -0.68
C GLU B 209 20.45 20.59 0.15
N HIS B 210 19.51 21.35 -0.42
CA HIS B 210 18.93 22.48 0.31
C HIS B 210 18.14 22.02 1.53
N THR B 211 17.48 20.87 1.44
CA THR B 211 16.79 20.34 2.61
C THR B 211 17.77 19.78 3.63
N PHE B 212 18.82 19.08 3.18
CA PHE B 212 19.79 18.53 4.10
C PHE B 212 20.52 19.62 4.88
N THR B 213 20.77 20.76 4.23
CA THR B 213 21.43 21.87 4.91
C THR B 213 20.62 22.32 6.13
N GLN B 214 19.30 22.39 5.99
CA GLN B 214 18.45 22.77 7.12
C GLN B 214 18.30 21.62 8.12
N ILE B 215 18.35 20.37 7.67
CA ILE B 215 18.23 19.25 8.58
C ILE B 215 19.46 19.14 9.49
N LYS B 216 20.62 19.58 9.01
CA LYS B 216 21.87 19.29 9.69
C LYS B 216 21.94 19.64 11.18
N PRO B 217 21.48 20.82 11.65
CA PRO B 217 21.66 21.13 13.10
C PRO B 217 20.98 20.16 14.05
N LEU B 218 19.73 19.78 13.75
CA LEU B 218 19.02 18.84 14.62
C LEU B 218 19.73 17.50 14.64
N TYR B 219 20.22 17.03 13.50
CA TYR B 219 20.97 15.79 13.47
C TYR B 219 22.27 15.92 14.26
N GLU B 220 22.91 17.09 14.22
CA GLU B 220 24.12 17.28 15.01
C GLU B 220 23.84 17.16 16.50
N HIS B 221 22.76 17.78 16.96
CA HIS B 221 22.40 17.67 18.38
C HIS B 221 22.06 16.23 18.75
N LEU B 222 21.31 15.54 17.89
CA LEU B 222 20.95 14.15 18.16
C LEU B 222 22.20 13.26 18.21
N HIS B 223 23.13 13.47 17.28
CA HIS B 223 24.36 12.70 17.25
C HIS B 223 25.20 12.98 18.49
N ALA B 224 25.27 14.23 18.92
CA ALA B 224 26.00 14.56 20.15
C ALA B 224 25.40 13.84 21.35
N TYR B 225 24.07 13.86 21.48
CA TYR B 225 23.44 13.16 22.59
C TYR B 225 23.68 11.66 22.53
N VAL B 226 23.57 11.07 21.34
CA VAL B 226 23.77 9.63 21.19
C VAL B 226 25.20 9.25 21.55
N ARG B 227 26.17 10.04 21.09
CA ARG B 227 27.57 9.77 21.41
C ARG B 227 27.83 9.90 22.91
N ALA B 228 27.28 10.94 23.52
CA ALA B 228 27.47 11.15 24.96
C ALA B 228 26.84 10.05 25.79
N LYS B 229 25.76 9.44 25.31
CA LYS B 229 25.14 8.34 26.05
C LYS B 229 25.72 6.97 25.70
N LEU B 230 26.39 6.83 24.56
CA LEU B 230 27.05 5.58 24.21
C LEU B 230 28.39 5.41 24.92
N MET B 231 28.94 6.48 25.51
CA MET B 231 30.19 6.37 26.24
C MET B 231 30.04 5.47 27.46
N ASP B 232 28.92 5.58 28.17
CA ASP B 232 28.71 4.82 29.39
C ASP B 232 28.55 3.32 29.12
N ALA B 233 28.21 2.94 27.89
CA ALA B 233 28.07 1.52 27.57
C ALA B 233 29.36 0.90 27.06
N TYR B 234 30.23 1.69 26.44
CA TYR B 234 31.53 1.24 25.94
C TYR B 234 32.59 2.19 26.46
N PRO B 235 32.97 2.07 27.72
CA PRO B 235 33.97 2.99 28.29
C PRO B 235 35.33 2.83 27.63
N SER B 236 36.03 3.96 27.51
CA SER B 236 37.38 4.01 26.94
C SER B 236 37.40 3.46 25.51
N ARG B 237 36.34 3.72 24.77
CA ARG B 237 36.23 3.25 23.38
C ARG B 237 35.77 4.31 22.39
N ILE B 238 35.16 5.40 22.84
CA ILE B 238 34.65 6.44 21.97
C ILE B 238 35.24 7.78 22.41
N SER B 239 35.77 8.53 21.46
CA SER B 239 36.34 9.84 21.79
C SER B 239 35.23 10.83 22.12
N PRO B 240 35.46 11.74 23.08
CA PRO B 240 34.42 12.71 23.42
C PRO B 240 34.12 13.73 22.35
N THR B 241 34.95 13.83 21.31
CA THR B 241 34.77 14.82 20.25
C THR B 241 34.82 14.22 18.85
N GLY B 242 34.95 12.90 18.72
CA GLY B 242 35.10 12.27 17.43
C GLY B 242 33.82 11.62 16.94
N CYS B 243 33.95 10.89 15.84
CA CYS B 243 32.83 10.22 15.22
C CYS B 243 32.42 8.99 16.03
N LEU B 244 31.42 8.27 15.54
CA LEU B 244 30.91 7.06 16.16
C LEU B 244 31.37 5.83 15.39
N PRO B 245 31.94 4.83 16.06
CA PRO B 245 32.34 3.61 15.35
C PRO B 245 31.14 2.97 14.67
N ALA B 246 31.39 2.39 13.49
CA ALA B 246 30.31 1.94 12.62
C ALA B 246 29.63 0.68 13.11
N HIS B 247 30.25 -0.08 14.01
CA HIS B 247 29.73 -1.36 14.43
C HIS B 247 28.90 -1.29 15.71
N LEU B 248 28.66 -0.08 16.24
CA LEU B 248 27.92 0.08 17.49
C LEU B 248 26.60 0.82 17.30
N LEU B 249 26.11 0.90 16.07
CA LEU B 249 24.99 1.81 15.76
C LEU B 249 23.62 1.16 15.89
N GLY B 250 23.54 -0.15 16.11
CA GLY B 250 22.27 -0.82 16.31
C GLY B 250 21.85 -1.79 15.23
N ASP B 251 22.58 -1.84 14.12
CA ASP B 251 22.35 -2.84 13.08
C ASP B 251 23.61 -2.97 12.25
N MET B 252 23.52 -3.69 11.13
CA MET B 252 24.70 -3.97 10.31
C MET B 252 25.26 -2.70 9.69
N TRP B 253 24.38 -1.80 9.22
CA TRP B 253 24.81 -0.63 8.46
C TRP B 253 24.54 0.69 9.16
N GLY B 254 23.88 0.69 10.31
CA GLY B 254 23.50 1.94 10.94
C GLY B 254 22.50 2.75 10.15
N ARG B 255 21.60 2.08 9.43
CA ARG B 255 20.57 2.79 8.68
C ARG B 255 19.58 3.45 9.64
N PHE B 256 19.16 2.73 10.67
CA PHE B 256 18.28 3.26 11.71
C PHE B 256 18.98 3.16 13.06
N TRP B 257 18.69 4.12 13.92
CA TRP B 257 19.21 4.13 15.28
C TRP B 257 18.18 3.65 16.30
N THR B 258 17.10 3.03 15.83
CA THR B 258 16.01 2.66 16.72
C THR B 258 16.41 1.61 17.76
N ASN B 259 17.41 0.79 17.46
CA ASN B 259 17.81 -0.26 18.38
C ASN B 259 18.70 0.24 19.51
N LEU B 260 19.02 1.53 19.52
CA LEU B 260 19.81 2.13 20.59
C LEU B 260 18.94 2.75 21.68
N TYR B 261 17.62 2.63 21.58
CA TYR B 261 16.73 3.30 22.53
C TYR B 261 16.93 2.84 23.97
N PRO B 262 17.03 1.54 24.28
CA PRO B 262 17.15 1.16 25.69
C PRO B 262 18.38 1.73 26.38
N LEU B 263 19.43 2.06 25.62
CA LEU B 263 20.65 2.62 26.20
C LEU B 263 20.56 4.12 26.49
N MET B 264 19.54 4.80 25.96
CA MET B 264 19.49 6.26 26.08
C MET B 264 18.09 6.77 26.37
N VAL B 265 17.29 6.01 27.12
CA VAL B 265 15.94 6.43 27.46
C VAL B 265 16.01 7.72 28.27
N PRO B 266 15.33 8.79 27.84
CA PRO B 266 15.41 10.07 28.56
C PRO B 266 14.95 9.97 30.01
N PHE B 267 13.72 9.54 30.22
CA PHE B 267 13.14 9.38 31.56
C PHE B 267 12.78 7.91 31.75
N GLY B 268 13.58 7.20 32.53
CA GLY B 268 13.40 5.77 32.73
C GLY B 268 12.31 5.38 33.68
N GLN B 269 11.67 6.33 34.37
CA GLN B 269 10.61 6.02 35.30
C GLN B 269 9.22 6.13 34.70
N LYS B 270 9.06 6.82 33.57
CA LYS B 270 7.79 6.89 32.88
C LYS B 270 7.79 5.90 31.72
N PRO B 271 6.96 4.86 31.77
CA PRO B 271 6.95 3.89 30.67
C PRO B 271 6.14 4.37 29.49
N ASN B 272 6.58 4.00 28.30
CA ASN B 272 5.89 4.42 27.08
C ASN B 272 4.52 3.77 26.98
N ILE B 273 3.61 4.45 26.29
CA ILE B 273 2.24 3.96 26.18
C ILE B 273 2.22 2.68 25.34
N ASP B 274 1.70 1.61 25.93
CA ASP B 274 1.52 0.35 25.23
C ASP B 274 0.15 -0.20 25.60
N VAL B 275 -0.62 -0.64 24.61
CA VAL B 275 -2.00 -1.06 24.83
C VAL B 275 -2.21 -2.53 24.46
N THR B 276 -1.13 -3.31 24.43
CA THR B 276 -1.27 -4.74 24.16
C THR B 276 -2.07 -5.43 25.25
N ASP B 277 -1.80 -5.12 26.52
CA ASP B 277 -2.54 -5.74 27.62
C ASP B 277 -4.00 -5.34 27.59
N ALA B 278 -4.29 -4.08 27.27
CA ALA B 278 -5.69 -3.64 27.18
C ALA B 278 -6.41 -4.31 26.02
N MET B 279 -5.71 -4.57 24.91
CA MET B 279 -6.34 -5.28 23.81
C MET B 279 -6.56 -6.76 24.15
N VAL B 280 -5.66 -7.35 24.93
CA VAL B 280 -5.87 -8.74 25.36
C VAL B 280 -7.03 -8.83 26.34
N ASN B 281 -7.13 -7.87 27.26
CA ASN B 281 -8.17 -7.92 28.28
C ASN B 281 -9.56 -7.81 27.68
N GLN B 282 -9.70 -7.16 26.53
CA GLN B 282 -10.99 -6.95 25.90
C GLN B 282 -11.30 -8.01 24.83
N SER B 283 -10.46 -9.03 24.71
CA SER B 283 -10.65 -10.13 23.76
C SER B 283 -10.73 -9.60 22.32
N TRP B 284 -9.62 -9.00 21.89
CA TRP B 284 -9.50 -8.47 20.54
C TRP B 284 -8.87 -9.52 19.64
N ASP B 285 -9.63 -10.02 18.68
CA ASP B 285 -9.09 -10.93 17.68
C ASP B 285 -8.38 -10.12 16.59
N ALA B 286 -7.97 -10.79 15.51
CA ALA B 286 -7.29 -10.10 14.42
C ALA B 286 -8.26 -9.41 13.47
N ARG B 287 -9.56 -9.66 13.57
CA ARG B 287 -10.53 -9.01 12.72
C ARG B 287 -10.99 -7.67 13.28
N ARG B 288 -11.08 -7.55 14.60
CA ARG B 288 -11.49 -6.28 15.19
C ARG B 288 -10.46 -5.18 14.95
N ILE B 289 -9.18 -5.55 14.83
CA ILE B 289 -8.15 -4.54 14.54
C ILE B 289 -8.43 -3.89 13.19
N PHE B 290 -8.70 -4.71 12.17
CA PHE B 290 -8.99 -4.17 10.86
C PHE B 290 -10.35 -3.48 10.81
N LYS B 291 -11.33 -3.95 11.59
CA LYS B 291 -12.60 -3.24 11.68
C LYS B 291 -12.40 -1.84 12.26
N GLU B 292 -11.57 -1.72 13.29
CA GLU B 292 -11.31 -0.40 13.88
C GLU B 292 -10.52 0.49 12.93
N ALA B 293 -9.57 -0.09 12.19
CA ALA B 293 -8.87 0.69 11.18
C ALA B 293 -9.83 1.22 10.12
N GLU B 294 -10.74 0.36 9.65
CA GLU B 294 -11.73 0.80 8.68
C GLU B 294 -12.65 1.87 9.26
N LYS B 295 -13.02 1.73 10.54
CA LYS B 295 -13.84 2.76 11.17
C LYS B 295 -13.11 4.09 11.22
N PHE B 296 -11.82 4.07 11.56
CA PHE B 296 -11.03 5.30 11.57
C PHE B 296 -10.97 5.94 10.19
N PHE B 297 -10.79 5.12 9.15
CA PHE B 297 -10.73 5.66 7.80
C PHE B 297 -12.08 6.23 7.36
N VAL B 298 -13.17 5.59 7.78
CA VAL B 298 -14.50 6.10 7.45
C VAL B 298 -14.78 7.41 8.18
N SER B 299 -14.29 7.54 9.41
CA SER B 299 -14.59 8.72 10.21
C SER B 299 -14.06 10.02 9.61
N VAL B 300 -13.15 9.95 8.64
CA VAL B 300 -12.60 11.14 8.00
C VAL B 300 -13.20 11.36 6.61
N GLY B 301 -14.20 10.58 6.23
CA GLY B 301 -14.85 10.76 4.95
C GLY B 301 -14.33 9.89 3.82
N LEU B 302 -13.53 8.88 4.12
CA LEU B 302 -13.02 7.98 3.10
C LEU B 302 -13.93 6.76 2.99
N PRO B 303 -13.93 6.10 1.83
CA PRO B 303 -14.87 4.99 1.61
C PRO B 303 -14.59 3.79 2.50
N ASN B 304 -15.57 2.89 2.56
CA ASN B 304 -15.42 1.62 3.24
C ASN B 304 -14.50 0.69 2.45
N MET B 305 -14.17 -0.44 3.07
CA MET B 305 -13.46 -1.49 2.36
C MET B 305 -14.44 -2.31 1.52
N THR B 306 -13.96 -2.80 0.38
CA THR B 306 -14.83 -3.46 -0.58
C THR B 306 -15.28 -4.82 -0.06
N GLU B 307 -16.27 -5.39 -0.77
CA GLU B 307 -16.81 -6.69 -0.38
C GLU B 307 -15.77 -7.79 -0.47
N GLY B 308 -14.95 -7.77 -1.53
CA GLY B 308 -13.95 -8.80 -1.70
C GLY B 308 -12.76 -8.69 -0.79
N PHE B 309 -12.55 -7.53 -0.18
CA PHE B 309 -11.45 -7.37 0.77
C PHE B 309 -11.62 -8.29 1.97
N TRP B 310 -12.85 -8.41 2.48
CA TRP B 310 -13.09 -9.24 3.64
C TRP B 310 -13.09 -10.72 3.31
N GLN B 311 -13.42 -11.09 2.08
CA GLN B 311 -13.47 -12.48 1.67
C GLN B 311 -12.12 -13.03 1.24
N ASN B 312 -11.30 -12.22 0.57
CA ASN B 312 -10.09 -12.73 -0.07
C ASN B 312 -8.82 -12.43 0.70
N SER B 313 -8.83 -11.46 1.61
CA SER B 313 -7.61 -11.12 2.33
C SER B 313 -7.29 -12.18 3.39
N MET B 314 -6.00 -12.30 3.70
CA MET B 314 -5.51 -13.24 4.70
C MET B 314 -4.99 -12.43 5.88
N LEU B 315 -5.85 -12.20 6.87
CA LEU B 315 -5.49 -11.41 8.03
C LEU B 315 -4.86 -12.24 9.14
N THR B 316 -4.88 -13.56 9.03
CA THR B 316 -4.33 -14.45 10.05
C THR B 316 -3.49 -15.53 9.38
N GLU B 317 -2.51 -16.03 10.12
CA GLU B 317 -1.68 -17.12 9.62
C GLU B 317 -2.50 -18.40 9.53
N PRO B 318 -2.50 -19.08 8.39
CA PRO B 318 -3.21 -20.36 8.29
C PRO B 318 -2.57 -21.42 9.17
N GLY B 319 -3.40 -22.32 9.68
CA GLY B 319 -2.94 -23.33 10.62
C GLY B 319 -2.63 -24.68 10.00
N ASP B 320 -3.16 -24.95 8.81
CA ASP B 320 -3.03 -26.26 8.18
C ASP B 320 -1.73 -26.31 7.37
N ASN B 321 -0.61 -26.22 8.10
CA ASN B 321 0.75 -26.45 7.59
C ASN B 321 1.06 -25.65 6.31
N ARG B 322 0.31 -24.59 6.05
CA ARG B 322 0.54 -23.79 4.85
C ARG B 322 1.74 -22.88 5.05
N LYS B 323 2.59 -22.81 4.04
CA LYS B 323 3.80 -21.98 4.07
C LYS B 323 3.47 -20.64 3.46
N VAL B 324 3.67 -19.56 4.23
CA VAL B 324 3.37 -18.21 3.79
C VAL B 324 4.57 -17.32 4.06
N VAL B 325 4.57 -16.15 3.43
CA VAL B 325 5.55 -15.11 3.69
C VAL B 325 4.96 -14.15 4.71
N CYS B 326 5.71 -13.91 5.79
CA CYS B 326 5.19 -13.16 6.92
C CYS B 326 5.22 -11.65 6.72
N HIS B 327 5.79 -11.16 5.63
CA HIS B 327 5.86 -9.73 5.40
C HIS B 327 4.46 -9.15 5.15
N PRO B 328 4.08 -8.08 5.86
CA PRO B 328 2.76 -7.47 5.61
C PRO B 328 2.79 -6.63 4.33
N THR B 329 1.81 -6.87 3.46
CA THR B 329 1.75 -6.17 2.18
C THR B 329 0.31 -5.83 1.85
N ALA B 330 0.14 -4.78 1.05
CA ALA B 330 -1.14 -4.39 0.49
C ALA B 330 -1.08 -4.59 -1.02
N TRP B 331 -2.02 -5.36 -1.55
CA TRP B 331 -1.98 -5.81 -2.94
C TRP B 331 -3.09 -5.16 -3.75
N ASP B 332 -2.69 -4.53 -4.86
CA ASP B 332 -3.59 -4.03 -5.89
C ASP B 332 -3.61 -5.08 -7.00
N LEU B 333 -4.50 -6.07 -6.84
CA LEU B 333 -4.50 -7.21 -7.75
C LEU B 333 -4.90 -6.83 -9.17
N GLY B 334 -5.56 -5.70 -9.38
CA GLY B 334 -6.08 -5.42 -10.70
C GLY B 334 -7.49 -4.87 -10.71
N LYS B 335 -8.42 -5.64 -11.25
CA LYS B 335 -9.76 -5.17 -11.59
C LYS B 335 -10.56 -4.92 -10.31
N HIS B 336 -10.22 -3.81 -9.65
CA HIS B 336 -10.87 -3.37 -8.41
C HIS B 336 -10.81 -4.45 -7.34
N ASP B 337 -9.69 -5.18 -7.30
CA ASP B 337 -9.46 -6.22 -6.31
C ASP B 337 -8.33 -5.78 -5.39
N PHE B 338 -8.67 -5.50 -4.13
CA PHE B 338 -7.73 -5.00 -3.15
C PHE B 338 -7.62 -6.01 -2.01
N ARG B 339 -6.39 -6.39 -1.66
CA ARG B 339 -6.19 -7.38 -0.62
C ARG B 339 -5.07 -6.94 0.32
N ILE B 340 -5.01 -7.59 1.48
CA ILE B 340 -3.96 -7.35 2.45
C ILE B 340 -3.47 -8.70 2.95
N LYS B 341 -2.15 -8.91 2.89
CA LYS B 341 -1.52 -10.13 3.40
C LYS B 341 -0.76 -9.76 4.66
N MET B 342 -1.20 -10.32 5.79
CA MET B 342 -0.61 -9.99 7.08
C MET B 342 -0.88 -11.12 8.06
N CYS B 343 0.11 -11.42 8.89
CA CYS B 343 -0.03 -12.38 9.97
C CYS B 343 -0.26 -11.58 11.25
N THR B 344 -1.52 -11.23 11.50
CA THR B 344 -1.85 -10.29 12.56
C THR B 344 -1.71 -10.94 13.93
N LYS B 345 -1.02 -10.25 14.82
CA LYS B 345 -0.94 -10.60 16.22
C LYS B 345 -1.58 -9.49 17.05
N VAL B 346 -2.00 -9.84 18.27
CA VAL B 346 -2.66 -8.85 19.12
C VAL B 346 -1.60 -8.04 19.84
N THR B 347 -1.10 -7.00 19.17
CA THR B 347 -0.07 -6.13 19.73
C THR B 347 -0.25 -4.73 19.15
N MET B 348 0.38 -3.76 19.82
CA MET B 348 0.30 -2.38 19.35
C MET B 348 0.97 -2.21 18.00
N ASP B 349 2.10 -2.89 17.79
CA ASP B 349 2.82 -2.77 16.52
C ASP B 349 1.95 -3.23 15.36
N ASP B 350 1.24 -4.35 15.53
CA ASP B 350 0.33 -4.81 14.48
C ASP B 350 -0.88 -3.90 14.35
N PHE B 351 -1.32 -3.29 15.46
CA PHE B 351 -2.40 -2.32 15.39
C PHE B 351 -2.03 -1.12 14.51
N LEU B 352 -0.77 -0.67 14.61
CA LEU B 352 -0.31 0.41 13.76
C LEU B 352 -0.06 -0.06 12.33
N THR B 353 0.46 -1.28 12.17
CA THR B 353 0.70 -1.82 10.84
C THR B 353 -0.60 -1.98 10.06
N ALA B 354 -1.71 -2.29 10.75
CA ALA B 354 -2.99 -2.38 10.07
C ALA B 354 -3.37 -1.07 9.41
N HIS B 355 -3.25 0.04 10.15
CA HIS B 355 -3.54 1.35 9.58
C HIS B 355 -2.57 1.69 8.46
N HIS B 356 -1.29 1.37 8.66
CA HIS B 356 -0.30 1.68 7.64
C HIS B 356 -0.60 0.97 6.32
N GLU B 357 -0.94 -0.32 6.39
CA GLU B 357 -1.23 -1.09 5.19
C GLU B 357 -2.61 -0.79 4.62
N MET B 358 -3.55 -0.30 5.44
CA MET B 358 -4.85 0.06 4.91
C MET B 358 -4.84 1.43 4.27
N GLY B 359 -3.88 2.29 4.65
CA GLY B 359 -3.70 3.54 3.94
C GLY B 359 -3.29 3.32 2.49
N HIS B 360 -2.44 2.32 2.25
CA HIS B 360 -2.08 1.97 0.88
C HIS B 360 -3.30 1.55 0.08
N ILE B 361 -4.17 0.73 0.70
CA ILE B 361 -5.36 0.25 0.00
C ILE B 361 -6.33 1.41 -0.26
N GLN B 362 -6.44 2.34 0.69
CA GLN B 362 -7.27 3.51 0.45
C GLN B 362 -6.71 4.38 -0.66
N TYR B 363 -5.38 4.46 -0.79
CA TYR B 363 -4.78 5.14 -1.92
C TYR B 363 -5.11 4.44 -3.23
N ASP B 364 -5.07 3.10 -3.25
CA ASP B 364 -5.36 2.38 -4.47
C ASP B 364 -6.84 2.50 -4.88
N MET B 365 -7.76 2.61 -3.92
CA MET B 365 -9.15 2.84 -4.25
C MET B 365 -9.38 4.17 -4.94
N ALA B 366 -8.52 5.16 -4.72
CA ALA B 366 -8.79 6.52 -5.16
C ALA B 366 -8.57 6.73 -6.65
N TYR B 367 -7.54 6.11 -7.24
CA TYR B 367 -7.24 6.31 -8.65
C TYR B 367 -7.59 5.09 -9.49
N ALA B 368 -8.58 4.31 -9.06
CA ALA B 368 -8.99 3.13 -9.80
C ALA B 368 -9.71 3.45 -11.10
N ALA B 369 -10.15 4.69 -11.28
CA ALA B 369 -10.86 5.11 -12.49
C ALA B 369 -9.96 5.87 -13.45
N GLN B 370 -8.68 5.52 -13.50
CA GLN B 370 -7.69 6.15 -14.36
C GLN B 370 -7.18 5.15 -15.40
N PRO B 371 -6.52 5.62 -16.44
CA PRO B 371 -5.90 4.69 -17.39
C PRO B 371 -4.91 3.76 -16.69
N PHE B 372 -4.59 2.65 -17.37
CA PHE B 372 -3.76 1.62 -16.75
C PHE B 372 -2.38 2.16 -16.38
N LEU B 373 -1.78 2.95 -17.27
CA LEU B 373 -0.43 3.45 -17.02
C LEU B 373 -0.41 4.53 -15.95
N LEU B 374 -1.50 5.28 -15.81
CA LEU B 374 -1.56 6.38 -14.86
C LEU B 374 -2.07 5.95 -13.49
N ARG B 375 -2.13 4.64 -13.23
CA ARG B 375 -2.62 4.14 -11.95
C ARG B 375 -1.45 3.85 -11.02
N ASN B 376 -0.79 4.92 -10.59
CA ASN B 376 0.27 4.87 -9.61
C ASN B 376 0.20 6.13 -8.76
N GLY B 377 1.11 6.25 -7.80
CA GLY B 377 1.26 7.48 -7.07
C GLY B 377 1.85 8.58 -7.93
N ALA B 378 1.80 9.80 -7.41
CA ALA B 378 2.35 10.93 -8.16
C ALA B 378 3.82 10.71 -8.48
N ASN B 379 4.57 10.13 -7.54
CA ASN B 379 5.90 9.62 -7.80
C ASN B 379 6.18 8.50 -6.80
N GLU B 380 7.44 8.08 -6.71
CA GLU B 380 7.79 6.95 -5.86
C GLU B 380 7.72 7.27 -4.37
N GLY B 381 7.72 8.54 -4.00
CA GLY B 381 7.70 8.92 -2.60
C GLY B 381 6.31 9.13 -2.03
N PHE B 382 5.31 9.29 -2.89
CA PHE B 382 3.96 9.60 -2.42
C PHE B 382 3.30 8.38 -1.78
N HIS B 383 3.44 7.21 -2.40
CA HIS B 383 2.66 6.05 -1.99
C HIS B 383 3.04 5.59 -0.58
N GLU B 384 4.29 5.77 -0.17
CA GLU B 384 4.69 5.42 1.17
C GLU B 384 4.46 6.55 2.16
N ALA B 385 4.46 7.81 1.69
CA ALA B 385 4.18 8.93 2.58
C ALA B 385 2.71 8.98 2.96
N VAL B 386 1.83 8.50 2.08
CA VAL B 386 0.39 8.50 2.40
C VAL B 386 0.10 7.51 3.50
N GLY B 387 0.77 6.36 3.50
CA GLY B 387 0.55 5.35 4.51
C GLY B 387 1.18 5.60 5.86
N GLU B 388 1.95 6.68 6.03
CA GLU B 388 2.58 7.00 7.30
C GLU B 388 1.82 8.03 8.11
N ILE B 389 1.10 8.95 7.46
CA ILE B 389 0.30 9.91 8.21
C ILE B 389 -0.83 9.21 8.95
N MET B 390 -1.39 8.16 8.36
CA MET B 390 -2.42 7.38 9.04
C MET B 390 -1.87 6.74 10.31
N SER B 391 -0.67 6.15 10.23
CA SER B 391 -0.06 5.57 11.42
C SER B 391 0.33 6.63 12.43
N LEU B 392 0.70 7.83 11.97
CA LEU B 392 0.97 8.93 12.90
C LEU B 392 -0.28 9.32 13.66
N SER B 393 -1.42 9.42 12.97
CA SER B 393 -2.66 9.82 13.63
C SER B 393 -3.21 8.71 14.53
N ALA B 394 -3.00 7.45 14.15
CA ALA B 394 -3.60 6.34 14.89
C ALA B 394 -2.98 6.11 16.25
N ALA B 395 -1.74 6.51 16.47
CA ALA B 395 -1.04 6.21 17.72
C ALA B 395 -1.15 7.34 18.75
N THR B 396 -1.91 8.39 18.47
CA THR B 396 -2.04 9.48 19.42
C THR B 396 -2.85 9.05 20.63
N PRO B 397 -2.56 9.61 21.81
CA PRO B 397 -3.32 9.23 23.01
C PRO B 397 -4.80 9.51 22.91
N ASN B 398 -5.19 10.60 22.24
CA ASN B 398 -6.62 10.91 22.11
C ASN B 398 -7.35 9.84 21.31
N HIS B 399 -6.75 9.38 20.21
CA HIS B 399 -7.38 8.33 19.42
C HIS B 399 -7.51 7.05 20.23
N LEU B 400 -6.45 6.67 20.96
CA LEU B 400 -6.50 5.45 21.77
C LEU B 400 -7.51 5.56 22.89
N LYS B 401 -7.71 6.76 23.43
CA LYS B 401 -8.77 6.97 24.42
C LYS B 401 -10.15 6.81 23.79
N ASN B 402 -10.35 7.39 22.61
CA ASN B 402 -11.66 7.35 21.97
C ASN B 402 -12.04 5.93 21.56
N ILE B 403 -11.10 5.16 21.01
CA ILE B 403 -11.44 3.81 20.54
C ILE B 403 -11.74 2.90 21.73
N GLY B 404 -11.21 3.22 22.91
CA GLY B 404 -11.47 2.45 24.11
C GLY B 404 -10.30 1.68 24.67
N LEU B 405 -9.10 1.92 24.16
CA LEU B 405 -7.91 1.19 24.61
C LEU B 405 -7.22 1.84 25.80
N LEU B 406 -7.70 3.00 26.26
CA LEU B 406 -7.15 3.67 27.41
C LEU B 406 -8.27 4.09 28.36
N PRO B 407 -7.98 4.14 29.66
CA PRO B 407 -8.99 4.61 30.62
C PRO B 407 -9.41 6.04 30.31
N PRO B 408 -10.68 6.38 30.51
CA PRO B 408 -11.15 7.73 30.18
C PRO B 408 -10.50 8.82 31.02
N ASP B 409 -9.95 8.49 32.19
CA ASP B 409 -9.32 9.46 33.07
C ASP B 409 -7.83 9.61 32.80
N PHE B 410 -7.33 9.02 31.71
CA PHE B 410 -5.91 9.09 31.40
C PHE B 410 -5.46 10.55 31.22
N SER B 411 -4.35 10.90 31.85
CA SER B 411 -3.78 12.24 31.78
C SER B 411 -2.44 12.16 31.07
N GLU B 412 -2.25 13.01 30.07
CA GLU B 412 -1.03 12.97 29.27
C GLU B 412 0.12 13.65 30.02
N ASP B 413 1.15 12.88 30.31
CA ASP B 413 2.35 13.42 30.94
C ASP B 413 3.22 14.13 29.91
N SER B 414 4.01 15.09 30.39
CA SER B 414 4.95 15.81 29.55
C SER B 414 6.30 15.13 29.45
N GLU B 415 6.48 14.00 30.16
CA GLU B 415 7.73 13.26 30.12
C GLU B 415 7.68 12.05 29.20
N THR B 416 6.50 11.46 29.01
CA THR B 416 6.35 10.41 28.01
C THR B 416 6.35 10.98 26.60
N ASP B 417 5.98 12.26 26.44
CA ASP B 417 6.07 12.90 25.14
C ASP B 417 7.51 12.97 24.66
N ILE B 418 8.45 13.29 25.56
CA ILE B 418 9.85 13.36 25.16
C ILE B 418 10.38 11.97 24.82
N ASN B 419 9.96 10.94 25.57
CA ASN B 419 10.36 9.58 25.23
C ASN B 419 9.87 9.18 23.85
N PHE B 420 8.59 9.46 23.57
CA PHE B 420 8.03 9.14 22.26
C PHE B 420 8.74 9.91 21.16
N LEU B 421 9.01 11.20 21.39
CA LEU B 421 9.67 12.01 20.37
C LEU B 421 11.09 11.54 20.11
N LEU B 422 11.81 11.15 21.16
CA LEU B 422 13.19 10.68 20.98
C LEU B 422 13.21 9.34 20.27
N LYS B 423 12.27 8.45 20.58
CA LYS B 423 12.22 7.19 19.85
C LYS B 423 11.80 7.41 18.40
N GLN B 424 10.99 8.45 18.14
CA GLN B 424 10.64 8.78 16.77
C GLN B 424 11.83 9.33 16.01
N ALA B 425 12.60 10.22 16.63
CA ALA B 425 13.78 10.80 16.00
C ALA B 425 15.01 9.92 16.21
N LEU B 426 14.85 8.64 15.91
CA LEU B 426 15.95 7.70 15.76
C LEU B 426 15.80 6.84 14.53
N THR B 427 14.59 6.68 14.00
CA THR B 427 14.33 6.10 12.70
C THR B 427 14.17 7.15 11.62
N ILE B 428 13.69 8.34 11.98
CA ILE B 428 13.36 9.38 11.03
C ILE B 428 14.55 10.31 10.82
N VAL B 429 15.02 10.94 11.90
CA VAL B 429 16.14 11.87 11.76
C VAL B 429 17.46 11.12 11.71
N GLY B 430 17.53 9.93 12.27
CA GLY B 430 18.74 9.14 12.26
C GLY B 430 19.03 8.41 10.98
N THR B 431 18.14 8.50 9.99
CA THR B 431 18.36 7.86 8.70
C THR B 431 18.50 8.86 7.55
N LEU B 432 18.13 10.12 7.75
CA LEU B 432 18.16 11.12 6.69
C LEU B 432 19.58 11.38 6.20
N PRO B 433 20.58 11.55 7.07
CA PRO B 433 21.96 11.67 6.55
C PRO B 433 22.42 10.42 5.81
N PHE B 434 22.39 9.27 6.48
CA PHE B 434 22.83 8.01 5.87
C PHE B 434 22.28 7.86 4.46
N THR B 435 20.95 7.78 4.33
CA THR B 435 20.31 7.69 3.03
C THR B 435 20.94 8.68 2.05
N TYR B 436 20.88 9.96 2.39
CA TYR B 436 21.43 10.99 1.50
C TYR B 436 22.85 10.66 1.12
N MET B 437 23.71 10.41 2.11
CA MET B 437 25.10 10.12 1.84
C MET B 437 25.22 9.01 0.81
N LEU B 438 24.51 7.90 1.04
CA LEU B 438 24.62 6.75 0.14
C LEU B 438 24.32 7.18 -1.28
N GLU B 439 23.19 7.86 -1.48
CA GLU B 439 22.82 8.23 -2.84
C GLU B 439 23.89 9.10 -3.47
N LYS B 440 24.40 10.08 -2.71
CA LYS B 440 25.45 10.94 -3.24
C LYS B 440 26.60 10.09 -3.78
N TRP B 441 27.09 9.15 -2.97
CA TRP B 441 28.19 8.31 -3.41
C TRP B 441 27.85 7.66 -4.74
N ARG B 442 26.70 7.00 -4.81
CA ARG B 442 26.34 6.30 -6.02
C ARG B 442 26.31 7.25 -7.20
N TRP B 443 25.71 8.44 -7.02
CA TRP B 443 25.65 9.39 -8.12
C TRP B 443 27.04 9.70 -8.63
N MET B 444 27.97 10.02 -7.71
CA MET B 444 29.32 10.33 -8.13
C MET B 444 29.96 9.14 -8.81
N VAL B 445 29.73 7.94 -8.29
CA VAL B 445 30.31 6.74 -8.89
C VAL B 445 29.78 6.56 -10.31
N PHE B 446 28.53 6.94 -10.54
CA PHE B 446 27.99 6.79 -11.88
C PHE B 446 28.40 7.97 -12.77
N LYS B 447 28.78 9.09 -12.16
CA LYS B 447 29.14 10.26 -12.95
C LYS B 447 30.59 10.25 -13.38
N GLY B 448 31.40 9.34 -12.83
CA GLY B 448 32.82 9.33 -13.09
C GLY B 448 33.63 10.28 -12.24
N GLU B 449 32.99 10.99 -11.31
CA GLU B 449 33.73 11.90 -10.44
C GLU B 449 34.68 11.14 -9.51
N ILE B 450 34.28 9.96 -9.06
CA ILE B 450 35.10 9.11 -8.21
C ILE B 450 35.65 7.99 -9.09
N PRO B 451 36.96 7.96 -9.37
CA PRO B 451 37.52 6.88 -10.18
C PRO B 451 37.45 5.54 -9.45
N LYS B 452 37.51 4.47 -10.23
CA LYS B 452 37.45 3.12 -9.67
C LYS B 452 38.56 2.85 -8.67
N GLU B 453 39.57 3.72 -8.59
CA GLU B 453 40.67 3.57 -7.65
C GLU B 453 40.54 4.51 -6.46
N GLN B 454 39.32 4.99 -6.17
CA GLN B 454 39.09 5.81 -4.98
C GLN B 454 37.75 5.50 -4.33
N TRP B 455 37.16 4.34 -4.59
CA TRP B 455 35.80 4.06 -4.13
C TRP B 455 35.73 3.98 -2.61
N MET B 456 36.60 3.17 -2.00
CA MET B 456 36.56 3.01 -0.55
C MET B 456 37.02 4.27 0.17
N GLN B 457 38.04 4.94 -0.38
CA GLN B 457 38.54 6.16 0.23
C GLN B 457 37.46 7.23 0.27
N LYS B 458 36.79 7.46 -0.86
CA LYS B 458 35.72 8.45 -0.91
C LYS B 458 34.52 8.03 -0.07
N TRP B 459 34.21 6.73 -0.08
CA TRP B 459 33.11 6.22 0.73
C TRP B 459 33.31 6.55 2.21
N TRP B 460 34.48 6.22 2.75
CA TRP B 460 34.70 6.45 4.17
C TRP B 460 34.94 7.91 4.49
N GLU B 461 35.53 8.68 3.56
CA GLU B 461 35.66 10.12 3.77
C GLU B 461 34.28 10.76 3.86
N MET B 462 33.37 10.39 2.97
CA MET B 462 32.02 10.95 3.00
C MET B 462 31.26 10.51 4.25
N LYS B 463 31.36 9.23 4.62
CA LYS B 463 30.65 8.76 5.80
C LYS B 463 31.20 9.41 7.07
N ARG B 464 32.48 9.77 7.07
CA ARG B 464 33.04 10.51 8.21
C ARG B 464 32.60 11.96 8.20
N ASP B 465 32.49 12.56 7.02
CA ASP B 465 32.17 13.99 6.94
C ASP B 465 30.67 14.24 7.09
N ILE B 466 29.84 13.46 6.40
CA ILE B 466 28.40 13.74 6.35
C ILE B 466 27.69 13.05 7.50
N VAL B 467 27.77 11.71 7.56
CA VAL B 467 27.04 10.97 8.57
C VAL B 467 27.65 11.19 9.95
N GLY B 468 28.98 11.23 10.03
CA GLY B 468 29.65 11.33 11.32
C GLY B 468 30.01 9.99 11.93
N VAL B 469 30.34 9.01 11.11
CA VAL B 469 30.58 7.64 11.57
C VAL B 469 31.92 7.18 11.01
N VAL B 470 32.78 6.66 11.88
CA VAL B 470 34.13 6.24 11.51
C VAL B 470 34.18 4.72 11.46
N GLU B 471 35.08 4.22 10.62
CA GLU B 471 35.27 2.78 10.46
C GLU B 471 36.02 2.19 11.65
N PRO B 472 35.73 0.94 12.02
CA PRO B 472 36.46 0.31 13.13
C PRO B 472 37.86 -0.13 12.76
N LEU B 473 38.03 -0.62 11.53
CA LEU B 473 39.31 -1.11 11.04
C LEU B 473 39.59 -0.52 9.66
N PRO B 474 40.86 -0.32 9.33
CA PRO B 474 41.19 0.22 8.00
C PRO B 474 40.73 -0.72 6.89
N HIS B 475 40.23 -0.13 5.81
CA HIS B 475 39.70 -0.86 4.67
C HIS B 475 40.35 -0.32 3.40
N ASP B 476 41.20 -1.12 2.77
CA ASP B 476 41.83 -0.72 1.52
C ASP B 476 40.84 -0.95 0.37
N GLU B 477 41.31 -0.80 -0.86
CA GLU B 477 40.42 -0.88 -2.02
C GLU B 477 40.31 -2.28 -2.58
N THR B 478 40.00 -3.23 -1.70
CA THR B 478 39.63 -4.58 -2.11
C THR B 478 38.24 -4.97 -1.65
N TYR B 479 37.62 -4.21 -0.77
CA TYR B 479 36.25 -4.42 -0.34
C TYR B 479 35.30 -3.55 -1.16
N CYS B 480 34.02 -3.82 -1.01
CA CYS B 480 32.95 -2.97 -1.55
C CYS B 480 31.94 -2.80 -0.41
N ASP B 481 32.19 -1.82 0.45
CA ASP B 481 31.31 -1.59 1.59
C ASP B 481 29.88 -1.22 1.19
N PRO B 482 29.63 -0.32 0.24
CA PRO B 482 28.24 -0.03 -0.13
C PRO B 482 27.49 -1.24 -0.65
N ALA B 483 28.17 -2.13 -1.36
CA ALA B 483 27.50 -3.31 -1.94
C ALA B 483 26.99 -4.27 -0.88
N ALA B 484 27.40 -4.13 0.38
CA ALA B 484 26.95 -4.98 1.46
C ALA B 484 25.53 -4.67 1.91
N LEU B 485 24.94 -3.58 1.41
CA LEU B 485 23.57 -3.22 1.72
C LEU B 485 22.64 -3.84 0.68
N PHE B 486 21.41 -4.14 1.10
CA PHE B 486 20.50 -4.91 0.25
C PHE B 486 20.18 -4.16 -1.04
N HIS B 487 19.92 -2.86 -0.94
CA HIS B 487 19.46 -2.10 -2.10
C HIS B 487 20.58 -1.91 -3.13
N VAL B 488 21.81 -1.73 -2.66
CA VAL B 488 22.92 -1.53 -3.60
C VAL B 488 23.19 -2.80 -4.40
N ALA B 489 23.15 -3.96 -3.74
CA ALA B 489 23.43 -5.22 -4.44
C ALA B 489 22.27 -5.64 -5.33
N ASN B 490 21.05 -5.20 -5.01
CA ASN B 490 19.87 -5.58 -5.76
C ASN B 490 19.42 -4.51 -6.76
N ASP B 491 20.23 -3.47 -6.95
CA ASP B 491 19.99 -2.46 -7.98
C ASP B 491 18.65 -1.74 -7.76
N TYR B 492 18.54 -1.07 -6.62
CA TYR B 492 17.35 -0.33 -6.25
C TYR B 492 17.69 1.12 -5.96
N SER B 493 16.84 2.03 -6.42
CA SER B 493 17.03 3.45 -6.12
C SER B 493 16.79 3.69 -4.64
N PHE B 494 17.55 4.63 -4.06
CA PHE B 494 17.52 4.88 -2.63
C PHE B 494 17.04 6.28 -2.27
N ILE B 495 16.75 7.13 -3.24
CA ILE B 495 16.29 8.49 -2.92
C ILE B 495 14.83 8.49 -2.49
N ARG B 496 14.06 7.45 -2.84
CA ARG B 496 12.66 7.40 -2.47
C ARG B 496 12.46 7.34 -0.97
N TYR B 497 13.48 6.96 -0.21
CA TYR B 497 13.39 6.95 1.25
C TYR B 497 13.65 8.32 1.85
N TYR B 498 14.21 9.25 1.08
CA TYR B 498 14.48 10.59 1.58
C TYR B 498 13.25 11.49 1.39
N THR B 499 12.79 11.62 0.14
CA THR B 499 11.64 12.46 -0.15
C THR B 499 10.40 11.96 0.59
N ARG B 500 10.28 10.63 0.76
CA ARG B 500 9.19 10.07 1.55
C ARG B 500 9.11 10.72 2.93
N THR B 501 10.26 10.95 3.55
CA THR B 501 10.26 11.52 4.90
C THR B 501 9.99 13.02 4.90
N ILE B 502 10.06 13.66 3.74
CA ILE B 502 9.80 15.09 3.66
C ILE B 502 8.34 15.37 3.28
N TYR B 503 7.78 14.58 2.36
CA TYR B 503 6.36 14.70 2.06
C TYR B 503 5.52 14.33 3.27
N GLN B 504 5.98 13.34 4.05
CA GLN B 504 5.17 12.78 5.12
C GLN B 504 4.75 13.83 6.13
N PHE B 505 5.67 14.68 6.55
CA PHE B 505 5.33 15.75 7.47
C PHE B 505 4.81 16.99 6.75
N GLN B 506 4.91 17.05 5.42
CA GLN B 506 4.29 18.13 4.68
C GLN B 506 2.78 17.93 4.57
N PHE B 507 2.34 16.69 4.36
CA PHE B 507 0.92 16.39 4.33
C PHE B 507 0.31 16.56 5.71
N GLN B 508 0.94 15.96 6.73
CA GLN B 508 0.33 15.91 8.05
C GLN B 508 0.08 17.31 8.62
N GLU B 509 1.03 18.22 8.43
CA GLU B 509 0.81 19.60 8.85
C GLU B 509 -0.34 20.21 8.07
N ALA B 510 -0.36 20.02 6.75
CA ALA B 510 -1.39 20.64 5.92
C ALA B 510 -2.78 20.16 6.31
N LEU B 511 -2.92 18.86 6.58
CA LEU B 511 -4.20 18.32 7.00
C LEU B 511 -4.53 18.67 8.44
N CYS B 512 -3.55 19.12 9.24
CA CYS B 512 -3.82 19.44 10.62
C CYS B 512 -4.29 20.88 10.83
N GLN B 513 -3.97 21.78 9.89
CA GLN B 513 -4.55 23.12 9.93
C GLN B 513 -6.00 23.10 9.46
N ILE B 514 -6.34 22.24 8.50
CA ILE B 514 -7.72 22.10 8.07
C ILE B 514 -8.57 21.53 9.19
N ALA B 515 -8.06 20.55 9.92
CA ALA B 515 -8.79 19.90 11.00
C ALA B 515 -8.96 20.80 12.23
N LYS B 516 -8.37 22.00 12.22
CA LYS B 516 -8.48 22.95 13.32
C LYS B 516 -7.94 22.35 14.62
N HIS B 517 -6.64 22.03 14.59
CA HIS B 517 -5.94 21.47 15.74
C HIS B 517 -5.14 22.56 16.43
N GLU B 518 -5.25 22.63 17.75
CA GLU B 518 -4.55 23.62 18.56
C GLU B 518 -3.51 22.93 19.42
N GLY B 519 -2.27 23.36 19.31
CA GLY B 519 -1.19 22.79 20.10
C GLY B 519 -0.04 22.34 19.23
N PRO B 520 0.83 21.51 19.80
CA PRO B 520 1.95 20.98 19.02
C PRO B 520 1.49 20.01 17.94
N LEU B 521 2.28 19.94 16.87
CA LEU B 521 1.90 19.12 15.72
C LEU B 521 1.97 17.63 16.02
N TYR B 522 2.90 17.22 16.89
CA TYR B 522 3.07 15.80 17.18
C TYR B 522 1.89 15.19 17.95
N LYS B 523 0.98 16.00 18.48
CA LYS B 523 -0.21 15.53 19.16
C LYS B 523 -1.45 15.60 18.28
N CYS B 524 -1.29 15.90 17.00
CA CYS B 524 -2.43 16.13 16.12
C CYS B 524 -3.11 14.83 15.74
N ASP B 525 -4.44 14.88 15.67
CA ASP B 525 -5.26 13.75 15.24
C ASP B 525 -6.26 14.25 14.22
N ILE B 526 -6.31 13.59 13.06
CA ILE B 526 -7.18 14.01 11.97
C ILE B 526 -8.48 13.21 11.94
N SER B 527 -8.75 12.39 12.96
CA SER B 527 -9.97 11.62 12.99
C SER B 527 -11.17 12.51 13.26
N ASN B 528 -12.34 12.05 12.81
CA ASN B 528 -13.60 12.78 12.94
C ASN B 528 -13.51 14.16 12.29
N SER B 529 -12.83 14.24 11.15
CA SER B 529 -12.69 15.48 10.40
C SER B 529 -12.85 15.15 8.91
N ARG B 530 -14.09 15.26 8.43
CA ARG B 530 -14.36 14.92 7.03
C ARG B 530 -13.73 15.94 6.09
N GLU B 531 -13.65 17.20 6.51
CA GLU B 531 -13.05 18.23 5.66
C GLU B 531 -11.59 17.94 5.36
N ALA B 532 -10.85 17.43 6.33
CA ALA B 532 -9.46 17.02 6.09
C ALA B 532 -9.36 15.77 5.23
N GLY B 533 -10.40 14.93 5.21
CA GLY B 533 -10.38 13.78 4.33
C GLY B 533 -10.70 14.11 2.88
N GLN B 534 -11.57 15.09 2.65
CA GLN B 534 -11.87 15.50 1.28
C GLN B 534 -10.63 16.06 0.59
N LYS B 535 -9.87 16.89 1.31
CA LYS B 535 -8.67 17.48 0.72
C LYS B 535 -7.66 16.40 0.33
N LEU B 536 -7.48 15.39 1.19
CA LEU B 536 -6.58 14.30 0.87
C LEU B 536 -7.10 13.48 -0.30
N HIS B 537 -8.41 13.20 -0.34
CA HIS B 537 -8.96 12.39 -1.41
C HIS B 537 -8.87 13.11 -2.76
N GLU B 538 -8.94 14.44 -2.76
CA GLU B 538 -8.83 15.18 -4.01
C GLU B 538 -7.49 14.95 -4.68
N MET B 539 -6.41 14.90 -3.89
CA MET B 539 -5.10 14.59 -4.44
C MET B 539 -4.94 13.11 -4.72
N LEU B 540 -5.51 12.26 -3.87
CA LEU B 540 -5.37 10.81 -4.05
C LEU B 540 -6.00 10.36 -5.36
N SER B 541 -7.16 10.94 -5.72
CA SER B 541 -7.87 10.51 -6.90
C SER B 541 -7.15 10.85 -8.20
N LEU B 542 -6.16 11.75 -8.15
CA LEU B 542 -5.48 12.15 -9.38
C LEU B 542 -4.62 11.03 -9.95
N GLY B 543 -4.01 10.22 -9.10
CA GLY B 543 -3.10 9.21 -9.61
C GLY B 543 -1.88 9.86 -10.23
N ARG B 544 -1.27 9.16 -11.17
CA ARG B 544 -0.15 9.70 -11.94
C ARG B 544 -0.63 10.37 -13.22
N SER B 545 -1.60 11.27 -13.10
CA SER B 545 -2.19 11.94 -14.24
C SER B 545 -1.82 13.42 -14.34
N LYS B 546 -1.32 14.01 -13.26
CA LYS B 546 -0.84 15.37 -13.22
C LYS B 546 0.56 15.38 -12.62
N PRO B 547 1.37 16.38 -12.95
CA PRO B 547 2.72 16.44 -12.37
C PRO B 547 2.66 16.46 -10.84
N TRP B 548 3.62 15.77 -10.21
CA TRP B 548 3.58 15.64 -8.76
C TRP B 548 3.68 16.98 -8.06
N THR B 549 4.22 18.01 -8.72
CA THR B 549 4.16 19.34 -8.16
C THR B 549 2.72 19.84 -8.03
N PHE B 550 1.91 19.63 -9.07
CA PHE B 550 0.51 20.01 -9.02
C PHE B 550 -0.24 19.24 -7.94
N ALA B 551 -0.01 17.92 -7.87
CA ALA B 551 -0.68 17.11 -6.86
C ALA B 551 -0.28 17.53 -5.45
N LEU B 552 1.00 17.84 -5.25
CA LEU B 552 1.46 18.31 -3.95
C LEU B 552 0.82 19.66 -3.59
N GLU B 553 0.71 20.56 -4.58
CA GLU B 553 0.08 21.85 -4.32
C GLU B 553 -1.40 21.70 -4.02
N ARG B 554 -2.05 20.65 -4.55
CA ARG B 554 -3.46 20.42 -4.25
C ARG B 554 -3.70 20.30 -2.75
N VAL B 555 -2.72 19.82 -1.99
CA VAL B 555 -2.87 19.64 -0.55
C VAL B 555 -2.14 20.72 0.22
N VAL B 556 -0.83 20.85 0.00
CA VAL B 556 0.00 21.68 0.87
C VAL B 556 0.05 23.14 0.43
N GLY B 557 -0.36 23.46 -0.79
CA GLY B 557 -0.30 24.82 -1.28
C GLY B 557 1.05 25.26 -1.79
N ALA B 558 1.99 24.34 -1.96
CA ALA B 558 3.31 24.66 -2.48
C ALA B 558 3.73 23.59 -3.48
N LYS B 559 4.66 23.95 -4.36
CA LYS B 559 5.12 23.06 -5.41
C LYS B 559 6.44 22.37 -5.08
N THR B 560 7.20 22.89 -4.12
CA THR B 560 8.54 22.41 -3.83
C THR B 560 8.55 21.61 -2.54
N MET B 561 9.50 20.68 -2.44
CA MET B 561 9.71 19.97 -1.19
C MET B 561 10.16 20.94 -0.11
N ASP B 562 9.54 20.84 1.06
CA ASP B 562 9.82 21.73 2.18
C ASP B 562 10.09 20.90 3.41
N VAL B 563 11.09 21.33 4.20
CA VAL B 563 11.50 20.60 5.39
C VAL B 563 11.11 21.32 6.66
N ARG B 564 10.53 22.52 6.57
CA ARG B 564 10.08 23.23 7.75
C ARG B 564 9.06 22.45 8.59
N PRO B 565 8.05 21.79 8.02
CA PRO B 565 7.17 20.96 8.87
C PRO B 565 7.89 19.86 9.62
N LEU B 566 8.91 19.26 9.01
CA LEU B 566 9.68 18.22 9.69
C LEU B 566 10.40 18.76 10.90
N LEU B 567 10.91 19.99 10.83
CA LEU B 567 11.54 20.61 11.99
C LEU B 567 10.50 21.09 13.00
N ASN B 568 9.31 21.46 12.54
CA ASN B 568 8.24 21.83 13.46
C ASN B 568 7.74 20.62 14.26
N TYR B 569 7.79 19.43 13.67
CA TYR B 569 7.40 18.22 14.38
C TYR B 569 8.28 17.97 15.59
N PHE B 570 9.60 18.15 15.42
CA PHE B 570 10.58 17.83 16.45
C PHE B 570 11.05 19.05 17.22
N GLU B 571 10.18 20.03 17.46
CA GLU B 571 10.58 21.24 18.16
C GLU B 571 10.76 21.01 19.66
N PRO B 572 9.81 20.38 20.37
CA PRO B 572 10.07 20.09 21.79
C PRO B 572 11.30 19.22 22.01
N LEU B 573 11.52 18.23 21.14
CA LEU B 573 12.71 17.40 21.27
C LEU B 573 13.97 18.20 20.96
N PHE B 574 13.90 19.13 20.00
CA PHE B 574 15.04 19.99 19.74
C PHE B 574 15.38 20.83 20.96
N THR B 575 14.37 21.41 21.62
CA THR B 575 14.62 22.20 22.81
C THR B 575 15.23 21.34 23.92
N TRP B 576 14.69 20.13 24.13
CA TRP B 576 15.23 19.25 25.17
C TRP B 576 16.66 18.84 24.85
N LEU B 577 16.95 18.54 23.59
CA LEU B 577 18.30 18.16 23.20
C LEU B 577 19.28 19.31 23.39
N LYS B 578 18.87 20.52 23.05
CA LYS B 578 19.73 21.68 23.31
C LYS B 578 19.95 21.89 24.80
N GLU B 579 18.92 21.65 25.61
CA GLU B 579 19.05 21.77 27.06
C GLU B 579 20.02 20.73 27.61
N GLN B 580 19.98 19.50 27.12
CA GLN B 580 20.81 18.42 27.65
C GLN B 580 22.23 18.43 27.11
N ASN B 581 22.53 19.22 26.08
CA ASN B 581 23.84 19.22 25.45
C ASN B 581 24.68 20.42 25.86
N ARG B 582 24.29 21.14 26.92
CA ARG B 582 25.05 22.31 27.35
C ARG B 582 26.45 21.93 27.81
N ASN B 583 26.58 20.83 28.55
CA ASN B 583 27.86 20.39 29.10
C ASN B 583 28.56 19.37 28.21
N SER B 584 28.35 19.43 26.90
CA SER B 584 28.96 18.49 25.97
C SER B 584 29.34 19.24 24.70
N PHE B 585 29.98 18.53 23.77
CA PHE B 585 30.41 19.10 22.50
C PHE B 585 29.48 18.61 21.39
N VAL B 586 28.95 19.55 20.62
CA VAL B 586 28.07 19.25 19.50
C VAL B 586 28.87 19.39 18.22
N GLY B 587 28.97 18.31 17.45
CA GLY B 587 29.81 18.26 16.28
C GLY B 587 30.88 17.19 16.42
N TRP B 588 31.48 16.78 15.30
CA TRP B 588 32.48 15.73 15.33
C TRP B 588 33.72 16.19 14.55
N ASN B 589 34.74 15.33 14.58
CA ASN B 589 36.02 15.61 13.92
C ASN B 589 36.31 14.49 12.95
N THR B 590 36.47 14.84 11.67
CA THR B 590 36.54 13.86 10.59
C THR B 590 37.75 12.94 10.69
N ASP B 591 38.96 13.48 10.55
CA ASP B 591 40.17 12.68 10.45
C ASP B 591 40.78 12.36 11.81
N TRP B 592 40.07 12.61 12.89
CA TRP B 592 40.57 12.39 14.24
C TRP B 592 40.29 10.95 14.64
N SER B 593 40.44 10.65 15.95
CA SER B 593 40.46 9.30 16.52
C SER B 593 39.40 8.39 15.93
N PRO B 594 39.81 7.34 15.20
CA PRO B 594 38.92 6.32 14.62
C PRO B 594 38.50 5.27 15.64
C1 NAG C . -2.33 -24.12 -1.71
C2 NAG C . -2.57 -25.32 -2.63
C3 NAG C . -3.88 -25.16 -3.40
C4 NAG C . -5.03 -24.90 -2.43
C5 NAG C . -4.70 -23.70 -1.56
C6 NAG C . -5.75 -23.43 -0.51
C7 NAG C . -1.19 -26.67 -4.16
C8 NAG C . -0.02 -26.67 -5.09
N2 NAG C . -1.46 -25.50 -3.55
O3 NAG C . -4.14 -26.35 -4.14
O4 NAG C . -6.23 -24.65 -3.16
O5 NAG C . -3.47 -23.92 -0.86
O6 NAG C . -5.16 -23.19 0.77
O7 NAG C . -1.87 -27.67 -3.97
C1 NAG D . -19.45 2.03 5.84
C2 NAG D . -20.54 3.06 5.50
C3 NAG D . -21.39 3.37 6.73
C4 NAG D . -21.93 2.07 7.33
C5 NAG D . -20.80 1.10 7.61
C6 NAG D . -21.29 -0.25 8.09
C7 NAG D . -19.68 4.47 3.68
C8 NAG D . -19.08 5.79 3.31
N2 NAG D . -19.95 4.28 4.98
O3 NAG D . -22.45 4.23 6.37
O4 NAG D . -22.62 2.35 8.55
O5 NAG D . -20.07 0.85 6.39
O6 NAG D . -20.42 -0.80 9.07
O7 NAG D . -19.93 3.61 2.84
#